data_4FU4
#
_entry.id   4FU4
#
_cell.length_a   127.080
_cell.length_b   156.580
_cell.length_c   106.140
_cell.angle_alpha   90.00
_cell.angle_beta   90.00
_cell.angle_gamma   90.00
#
_symmetry.space_group_name_H-M   'C 2 2 21'
#
loop_
_entity.id
_entity.type
_entity.pdbx_description
1 polymer 'Collagenase 3'
2 polymer 'Collagenase 3, pro-domain peptide'
3 non-polymer 'ZINC ION'
4 non-polymer 'CALCIUM ION'
5 non-polymer 'CHLORIDE ION'
6 non-polymer 1,2-ETHANEDIOL
7 water water
#
loop_
_entity_poly.entity_id
_entity_poly.type
_entity_poly.pdbx_seq_one_letter_code
_entity_poly.pdbx_strand_id
1 'polypeptide(L)'
;YNVFPRTLKWSKMNLTYRIVNYTPDMTHSEVEKAFKKAFKVWSDVTPLNFTRLHDGIADIMISFGIKEHGDFYPFDGPSG
LLAHAFPPGPNYGGDAHFDDDETWTSSSKGYNLFLVAAHAFGHSLGLDHSKDPGALMFPIYTYTGKSHFMLPDDDVQGIQ
SLYGPGDEDPNPKHPKTPDKCDPSLSLDAITSLRGETMIFKDRFFWRLHPQQVDAELFLTKSFWPELPNRIDAAYEHPSH
DLIFIFRGRKFWALNGYDILEGYPKKISELGLPKEVKKISAAVHFEDTGKTLLFSGNQVWRYDDTNHIMDKDYPRLIEED
FPGIGDKVDAVYEKNGYIYFFNGPIQFEYSIWSNRIVRVMPANSILWC
;
A,B
2 'polypeptide(L)' GGDEDDLSEEDLQFAERYLRSYYHPT C,D
#
loop_
_chem_comp.id
_chem_comp.type
_chem_comp.name
_chem_comp.formula
CA non-polymer 'CALCIUM ION' 'Ca 2'
CL non-polymer 'CHLORIDE ION' 'Cl -1'
EDO non-polymer 1,2-ETHANEDIOL 'C2 H6 O2'
ZN non-polymer 'ZINC ION' 'Zn 2'
#
# COMPACT_ATOMS: atom_id res chain seq x y z
N TYR A 1 1.76 -16.60 -5.83
CA TYR A 1 1.35 -17.68 -6.72
C TYR A 1 2.31 -17.94 -7.88
N ASN A 2 2.20 -19.13 -8.47
CA ASN A 2 2.97 -19.48 -9.66
C ASN A 2 2.13 -20.26 -10.65
N VAL A 3 2.17 -19.91 -11.92
CA VAL A 3 1.54 -20.74 -12.93
C VAL A 3 2.60 -21.65 -13.49
N PHE A 4 2.20 -22.57 -14.36
CA PHE A 4 3.16 -23.45 -15.02
C PHE A 4 3.69 -22.78 -16.30
N PRO A 5 4.88 -23.18 -16.75
CA PRO A 5 5.45 -22.75 -18.05
C PRO A 5 4.44 -22.85 -19.22
N ARG A 6 4.56 -21.93 -20.19
CA ARG A 6 3.60 -21.70 -21.29
C ARG A 6 2.18 -21.25 -20.84
N THR A 7 1.96 -21.16 -19.53
CA THR A 7 0.65 -20.75 -18.95
C THR A 7 -0.53 -21.69 -19.31
N LEU A 8 -0.24 -22.98 -19.12
CA LEU A 8 -1.17 -24.09 -19.30
C LEU A 8 -2.56 -23.83 -18.74
N LYS A 9 -3.51 -23.69 -19.65
CA LYS A 9 -4.82 -23.19 -19.34
C LYS A 9 -5.77 -24.12 -20.05
N TRP A 10 -6.91 -24.41 -19.41
CA TRP A 10 -7.99 -25.06 -20.11
C TRP A 10 -8.58 -23.98 -20.98
N SER A 11 -9.01 -24.33 -22.19
CA SER A 11 -9.60 -23.35 -23.10
C SER A 11 -11.12 -23.41 -23.08
N LYS A 12 -11.66 -24.33 -22.28
CA LYS A 12 -13.11 -24.44 -22.09
C LYS A 12 -13.49 -24.15 -20.65
N MET A 13 -14.61 -23.49 -20.42
CA MET A 13 -15.04 -23.17 -19.06
C MET A 13 -15.81 -24.32 -18.37
N ASN A 14 -16.62 -25.04 -19.14
CA ASN A 14 -17.41 -26.13 -18.60
C ASN A 14 -16.66 -27.45 -18.65
N LEU A 15 -16.14 -27.88 -17.51
CA LEU A 15 -15.27 -29.04 -17.48
C LEU A 15 -15.94 -30.23 -16.82
N THR A 16 -15.29 -31.38 -16.97
CA THR A 16 -15.84 -32.63 -16.51
C THR A 16 -14.88 -33.39 -15.60
N TYR A 17 -15.45 -34.09 -14.62
CA TYR A 17 -14.65 -34.98 -13.80
C TYR A 17 -15.36 -36.31 -13.54
N ARG A 18 -14.57 -37.30 -13.12
CA ARG A 18 -15.07 -38.62 -12.84
C ARG A 18 -14.27 -39.25 -11.70
N ILE A 19 -14.99 -39.65 -10.66
CA ILE A 19 -14.37 -40.36 -9.54
C ILE A 19 -14.30 -41.85 -9.86
N VAL A 20 -13.15 -42.32 -10.33
CA VAL A 20 -13.00 -43.73 -10.76
C VAL A 20 -13.27 -44.75 -9.64
N ASN A 21 -12.58 -44.62 -8.52
CA ASN A 21 -12.82 -45.46 -7.33
C ASN A 21 -12.75 -44.62 -6.06
N TYR A 22 -12.95 -45.24 -4.90
CA TYR A 22 -13.14 -44.49 -3.65
C TYR A 22 -12.29 -45.01 -2.49
N THR A 23 -12.03 -44.16 -1.52
CA THR A 23 -11.29 -44.61 -0.35
C THR A 23 -12.21 -45.44 0.53
N PRO A 24 -11.68 -46.54 1.05
CA PRO A 24 -12.39 -47.34 2.05
C PRO A 24 -12.71 -46.54 3.32
N ASP A 25 -11.90 -45.53 3.63
CA ASP A 25 -12.05 -44.85 4.91
C ASP A 25 -13.25 -43.94 4.94
N MET A 26 -13.84 -43.70 3.77
CA MET A 26 -15.01 -42.81 3.68
C MET A 26 -16.16 -43.46 2.90
N THR A 27 -17.36 -42.92 3.08
CA THR A 27 -18.52 -43.38 2.31
C THR A 27 -18.58 -42.64 0.98
N HIS A 28 -19.00 -43.34 -0.09
CA HIS A 28 -19.13 -42.75 -1.42
C HIS A 28 -19.69 -41.32 -1.40
N SER A 29 -20.80 -41.10 -0.70
CA SER A 29 -21.38 -39.77 -0.61
C SER A 29 -20.48 -38.76 0.10
N GLU A 30 -19.93 -39.14 1.26
CA GLU A 30 -18.96 -38.31 1.98
C GLU A 30 -17.81 -37.92 1.06
N VAL A 31 -17.47 -38.82 0.13
CA VAL A 31 -16.40 -38.62 -0.84
C VAL A 31 -16.84 -37.70 -1.97
N GLU A 32 -18.02 -37.95 -2.49
CA GLU A 32 -18.56 -37.11 -3.56
C GLU A 32 -18.81 -35.67 -3.08
N LYS A 33 -19.12 -35.52 -1.80
CA LYS A 33 -19.44 -34.22 -1.25
C LYS A 33 -18.16 -33.38 -1.17
N ALA A 34 -17.06 -34.05 -0.82
CA ALA A 34 -15.74 -33.44 -0.73
C ALA A 34 -15.27 -32.86 -2.08
N PHE A 35 -15.07 -33.72 -3.08
CA PHE A 35 -14.60 -33.28 -4.41
C PHE A 35 -15.48 -32.17 -4.99
N LYS A 36 -16.78 -32.32 -4.79
CA LYS A 36 -17.73 -31.33 -5.23
C LYS A 36 -17.50 -30.02 -4.46
N LYS A 37 -17.20 -30.13 -3.16
CA LYS A 37 -16.88 -28.97 -2.34
C LYS A 37 -15.56 -28.37 -2.84
N ALA A 38 -14.67 -29.25 -3.28
CA ALA A 38 -13.33 -28.89 -3.66
C ALA A 38 -13.31 -28.11 -4.98
N PHE A 39 -14.15 -28.50 -5.92
CA PHE A 39 -14.26 -27.71 -7.14
C PHE A 39 -14.99 -26.39 -6.87
N LYS A 40 -15.87 -26.39 -5.87
CA LYS A 40 -16.73 -25.24 -5.60
C LYS A 40 -15.83 -24.08 -5.22
N VAL A 41 -14.79 -24.42 -4.48
CA VAL A 41 -13.72 -23.50 -4.09
C VAL A 41 -13.24 -22.67 -5.28
N TRP A 42 -12.87 -23.38 -6.35
CA TRP A 42 -12.33 -22.75 -7.54
C TRP A 42 -13.42 -22.11 -8.38
N SER A 43 -14.55 -22.80 -8.50
CA SER A 43 -15.67 -22.28 -9.27
C SER A 43 -16.22 -20.96 -8.70
N ASP A 44 -16.27 -20.84 -7.38
CA ASP A 44 -16.80 -19.63 -6.72
C ASP A 44 -16.13 -18.34 -7.18
N VAL A 45 -14.92 -18.44 -7.71
CA VAL A 45 -14.16 -17.23 -8.06
C VAL A 45 -13.67 -17.21 -9.51
N THR A 46 -14.22 -18.10 -10.34
CA THR A 46 -13.87 -18.16 -11.75
C THR A 46 -15.11 -18.35 -12.63
N PRO A 47 -14.96 -18.11 -13.95
CA PRO A 47 -16.03 -18.48 -14.87
C PRO A 47 -16.23 -19.99 -14.90
N LEU A 48 -15.27 -20.73 -14.35
CA LEU A 48 -15.28 -22.20 -14.39
C LEU A 48 -16.55 -22.80 -13.82
N ASN A 49 -16.73 -24.07 -14.14
CA ASN A 49 -17.96 -24.79 -13.84
C ASN A 49 -17.66 -26.26 -13.96
N PHE A 50 -18.13 -27.06 -13.01
CA PHE A 50 -17.76 -28.48 -13.01
C PHE A 50 -18.94 -29.43 -13.07
N THR A 51 -18.81 -30.44 -13.92
CA THR A 51 -19.87 -31.40 -14.07
C THR A 51 -19.33 -32.79 -13.86
N ARG A 52 -19.91 -33.50 -12.89
CA ARG A 52 -19.52 -34.88 -12.64
C ARG A 52 -20.13 -35.87 -13.65
N LEU A 53 -19.27 -36.59 -14.35
CA LEU A 53 -19.72 -37.69 -15.20
C LEU A 53 -19.69 -38.97 -14.37
N HIS A 54 -20.54 -39.94 -14.74
CA HIS A 54 -20.56 -41.24 -14.05
C HIS A 54 -20.03 -42.40 -14.90
N ASP A 55 -19.43 -42.12 -16.05
CA ASP A 55 -18.74 -43.17 -16.83
C ASP A 55 -17.96 -42.63 -18.02
N GLY A 56 -17.03 -43.44 -18.51
CA GLY A 56 -16.29 -43.10 -19.70
C GLY A 56 -15.06 -42.29 -19.41
N ILE A 57 -14.90 -41.21 -20.16
CA ILE A 57 -13.71 -40.40 -19.99
C ILE A 57 -14.00 -38.91 -19.77
N ALA A 58 -13.56 -38.40 -18.61
CA ALA A 58 -13.65 -36.99 -18.27
C ALA A 58 -12.30 -36.25 -18.42
N ASP A 59 -12.37 -34.92 -18.42
CA ASP A 59 -11.18 -34.08 -18.33
C ASP A 59 -10.40 -34.45 -17.07
N ILE A 60 -10.98 -34.19 -15.91
CA ILE A 60 -10.27 -34.56 -14.70
C ILE A 60 -10.63 -35.97 -14.28
N MET A 61 -9.67 -36.88 -14.37
CA MET A 61 -9.86 -38.27 -13.93
C MET A 61 -9.31 -38.49 -12.53
N ILE A 62 -10.21 -38.62 -11.57
CA ILE A 62 -9.87 -38.82 -10.15
C ILE A 62 -9.85 -40.29 -9.72
N SER A 63 -8.69 -40.78 -9.30
CA SER A 63 -8.57 -42.15 -8.81
C SER A 63 -7.73 -42.25 -7.52
N PHE A 64 -7.83 -43.40 -6.85
CA PHE A 64 -7.07 -43.69 -5.63
C PHE A 64 -6.07 -44.80 -5.88
N GLY A 65 -4.84 -44.60 -5.45
CA GLY A 65 -3.79 -45.56 -5.75
C GLY A 65 -2.91 -45.89 -4.56
N ILE A 66 -2.18 -46.99 -4.69
CA ILE A 66 -1.23 -47.42 -3.69
C ILE A 66 0.12 -47.65 -4.37
N LYS A 67 1.21 -47.41 -3.64
CA LYS A 67 2.58 -47.51 -4.16
C LYS A 67 2.68 -47.17 -5.64
N GLU A 68 3.36 -48.03 -6.39
CA GLU A 68 3.25 -47.95 -7.83
C GLU A 68 1.83 -48.35 -8.19
N HIS A 69 1.15 -47.46 -8.91
CA HIS A 69 -0.30 -47.52 -9.11
C HIS A 69 -0.69 -47.22 -10.55
N GLY A 70 0.27 -47.26 -11.45
CA GLY A 70 0.01 -46.92 -12.84
C GLY A 70 1.07 -46.01 -13.40
N ASP A 71 0.95 -44.71 -13.15
CA ASP A 71 1.96 -43.74 -13.60
C ASP A 71 3.37 -43.97 -13.05
N PHE A 72 4.36 -43.45 -13.76
CA PHE A 72 5.74 -43.71 -13.43
C PHE A 72 5.99 -43.32 -11.99
N TYR A 73 5.33 -42.26 -11.52
CA TYR A 73 5.49 -41.85 -10.13
C TYR A 73 4.59 -42.63 -9.18
N PRO A 74 5.21 -43.37 -8.26
CA PRO A 74 4.52 -44.14 -7.23
C PRO A 74 4.32 -43.36 -5.93
N PHE A 75 3.32 -43.78 -5.15
CA PHE A 75 3.05 -43.20 -3.85
C PHE A 75 3.91 -43.92 -2.80
N ASP A 76 3.93 -43.40 -1.58
CA ASP A 76 4.96 -43.78 -0.61
C ASP A 76 4.44 -44.45 0.67
N GLY A 77 3.25 -45.01 0.61
CA GLY A 77 2.67 -45.55 1.81
C GLY A 77 2.21 -44.39 2.67
N PRO A 78 1.96 -44.64 3.98
CA PRO A 78 1.41 -43.65 4.91
C PRO A 78 2.24 -42.38 5.05
N SER A 79 1.55 -41.25 5.15
CA SER A 79 2.16 -39.92 5.16
C SER A 79 3.17 -39.71 4.02
N GLY A 80 3.99 -38.67 4.13
CA GLY A 80 4.82 -38.28 3.01
C GLY A 80 3.92 -37.74 1.92
N LEU A 81 4.18 -38.12 0.67
CA LEU A 81 3.34 -37.71 -0.45
C LEU A 81 1.90 -38.07 -0.22
N LEU A 82 1.01 -37.11 -0.43
CA LEU A 82 -0.40 -37.28 -0.16
C LEU A 82 -1.19 -37.54 -1.44
N ALA A 83 -0.72 -36.96 -2.53
CA ALA A 83 -1.36 -37.02 -3.82
C ALA A 83 -0.54 -36.25 -4.86
N HIS A 84 -0.98 -36.27 -6.10
CA HIS A 84 -0.38 -35.44 -7.12
C HIS A 84 -1.29 -35.24 -8.32
N ALA A 85 -1.06 -34.17 -9.05
CA ALA A 85 -1.93 -33.79 -10.14
C ALA A 85 -1.09 -33.38 -11.32
N PHE A 86 -1.69 -33.43 -12.50
CA PHE A 86 -1.02 -32.98 -13.71
C PHE A 86 -1.67 -31.67 -14.11
N PRO A 87 -0.89 -30.78 -14.73
CA PRO A 87 -1.41 -29.51 -15.25
C PRO A 87 -2.39 -29.77 -16.38
N PRO A 88 -3.26 -28.78 -16.71
CA PRO A 88 -4.23 -28.88 -17.80
C PRO A 88 -3.61 -29.47 -19.09
N GLY A 89 -4.32 -30.41 -19.70
CA GLY A 89 -3.85 -31.09 -20.88
C GLY A 89 -4.77 -32.18 -21.43
N PRO A 90 -4.31 -32.84 -22.53
CA PRO A 90 -5.04 -33.85 -23.31
C PRO A 90 -5.50 -35.11 -22.57
N ASN A 91 -4.65 -35.84 -21.88
CA ASN A 91 -5.12 -37.11 -21.30
C ASN A 91 -4.82 -37.29 -19.80
N TYR A 92 -3.55 -37.46 -19.48
CA TYR A 92 -3.13 -37.51 -18.10
C TYR A 92 -3.28 -36.10 -17.54
N GLY A 93 -3.35 -35.14 -18.46
CA GLY A 93 -3.53 -33.75 -18.09
C GLY A 93 -4.82 -33.57 -17.32
N GLY A 94 -4.72 -32.86 -16.20
CA GLY A 94 -5.87 -32.58 -15.35
C GLY A 94 -6.11 -33.65 -14.31
N ASP A 95 -5.56 -34.84 -14.52
CA ASP A 95 -5.84 -35.95 -13.63
C ASP A 95 -5.26 -35.63 -12.27
N ALA A 96 -5.85 -36.25 -11.25
CA ALA A 96 -5.32 -36.22 -9.89
C ALA A 96 -5.47 -37.60 -9.25
N HIS A 97 -4.36 -38.16 -8.75
CA HIS A 97 -4.41 -39.42 -7.99
C HIS A 97 -4.12 -39.17 -6.51
N PHE A 98 -4.84 -39.87 -5.64
CA PHE A 98 -4.64 -39.77 -4.21
C PHE A 98 -4.07 -41.05 -3.62
N ASP A 99 -3.21 -40.89 -2.61
CA ASP A 99 -2.64 -42.05 -1.92
C ASP A 99 -3.73 -42.81 -1.13
N ASP A 100 -3.88 -44.10 -1.41
CA ASP A 100 -4.89 -44.88 -0.69
C ASP A 100 -4.35 -45.47 0.60
N ASP A 101 -3.02 -45.36 0.78
CA ASP A 101 -2.39 -45.69 2.05
C ASP A 101 -2.65 -44.65 3.16
N GLU A 102 -3.66 -43.82 2.95
CA GLU A 102 -3.92 -42.70 3.82
C GLU A 102 -5.27 -42.86 4.44
N THR A 103 -5.45 -42.32 5.64
CA THR A 103 -6.76 -42.33 6.28
C THR A 103 -7.53 -41.08 5.88
N TRP A 104 -8.28 -41.16 4.80
CA TRP A 104 -9.03 -40.02 4.32
C TRP A 104 -10.25 -39.82 5.20
N THR A 105 -10.43 -38.59 5.66
CA THR A 105 -11.55 -38.26 6.52
C THR A 105 -12.10 -36.91 6.15
N SER A 106 -13.27 -36.57 6.68
CA SER A 106 -13.73 -35.19 6.58
C SER A 106 -13.62 -34.50 7.93
N SER A 107 -12.59 -34.88 8.68
CA SER A 107 -12.31 -34.30 9.98
C SER A 107 -10.84 -33.92 10.16
N SER A 108 -10.51 -33.57 11.40
CA SER A 108 -9.17 -33.17 11.77
C SER A 108 -8.26 -34.37 11.86
N LYS A 109 -8.80 -35.55 11.54
CA LYS A 109 -7.98 -36.76 11.62
C LYS A 109 -7.49 -37.16 10.24
N GLY A 110 -6.68 -38.21 10.20
CA GLY A 110 -6.07 -38.74 8.99
C GLY A 110 -5.47 -37.66 8.10
N TYR A 111 -6.05 -37.50 6.93
CA TYR A 111 -5.80 -36.35 6.08
C TYR A 111 -7.12 -35.97 5.46
N ASN A 112 -7.48 -34.70 5.57
CA ASN A 112 -8.75 -34.19 5.09
C ASN A 112 -8.88 -34.28 3.57
N LEU A 113 -9.76 -35.16 3.09
CA LEU A 113 -9.87 -35.40 1.66
C LEU A 113 -10.21 -34.12 0.88
N PHE A 114 -11.08 -33.30 1.46
CA PHE A 114 -11.46 -32.05 0.82
C PHE A 114 -10.30 -31.05 0.76
N LEU A 115 -9.53 -30.93 1.84
CA LEU A 115 -8.36 -30.05 1.82
C LEU A 115 -7.33 -30.49 0.76
N VAL A 116 -6.92 -31.74 0.80
CA VAL A 116 -5.99 -32.26 -0.19
C VAL A 116 -6.50 -32.15 -1.63
N ALA A 117 -7.82 -32.23 -1.83
CA ALA A 117 -8.37 -32.20 -3.18
C ALA A 117 -8.33 -30.78 -3.75
N ALA A 118 -8.90 -29.85 -2.98
CA ALA A 118 -8.85 -28.43 -3.27
C ALA A 118 -7.46 -28.00 -3.77
N HIS A 119 -6.43 -28.33 -2.98
CA HIS A 119 -5.07 -28.11 -3.42
C HIS A 119 -4.79 -28.75 -4.79
N ALA A 120 -4.96 -30.07 -4.86
CA ALA A 120 -4.57 -30.85 -6.04
C ALA A 120 -5.37 -30.50 -7.31
N PHE A 121 -6.61 -30.10 -7.13
CA PHE A 121 -7.39 -29.56 -8.22
C PHE A 121 -6.78 -28.26 -8.78
N GLY A 122 -6.21 -27.43 -7.90
CA GLY A 122 -5.55 -26.22 -8.34
C GLY A 122 -4.51 -26.53 -9.40
N HIS A 123 -3.68 -27.53 -9.15
CA HIS A 123 -2.69 -27.93 -10.13
C HIS A 123 -3.43 -28.20 -11.44
N SER A 124 -4.48 -29.02 -11.35
CA SER A 124 -5.28 -29.41 -12.50
C SER A 124 -5.79 -28.20 -13.30
N LEU A 125 -5.97 -27.08 -12.62
CA LEU A 125 -6.48 -25.90 -13.29
C LEU A 125 -5.38 -24.95 -13.75
N GLY A 126 -4.14 -25.32 -13.49
CA GLY A 126 -3.00 -24.57 -14.00
C GLY A 126 -2.12 -23.85 -12.98
N LEU A 127 -2.43 -23.99 -11.69
CA LEU A 127 -1.62 -23.34 -10.66
C LEU A 127 -0.48 -24.22 -10.20
N ASP A 128 0.74 -23.69 -10.26
CA ASP A 128 1.90 -24.36 -9.75
C ASP A 128 1.95 -24.08 -8.23
N HIS A 129 2.89 -24.68 -7.50
CA HIS A 129 3.02 -24.39 -6.07
C HIS A 129 3.37 -22.92 -5.80
N SER A 130 2.83 -22.41 -4.71
CA SER A 130 3.08 -21.06 -4.22
C SER A 130 4.15 -21.08 -3.13
N LYS A 131 4.84 -19.95 -2.97
CA LYS A 131 5.86 -19.85 -1.91
C LYS A 131 5.29 -19.22 -0.63
N ASP A 132 4.11 -18.66 -0.76
CA ASP A 132 3.38 -18.04 0.34
C ASP A 132 2.87 -19.13 1.29
N PRO A 133 3.30 -19.13 2.57
CA PRO A 133 2.80 -20.15 3.49
C PRO A 133 1.30 -19.99 3.74
N GLY A 134 0.78 -18.79 3.49
CA GLY A 134 -0.64 -18.55 3.62
C GLY A 134 -1.50 -19.18 2.55
N ALA A 135 -0.89 -19.46 1.39
CA ALA A 135 -1.62 -19.98 0.22
C ALA A 135 -2.03 -21.44 0.34
N LEU A 136 -3.17 -21.80 -0.25
CA LEU A 136 -3.59 -23.20 -0.30
C LEU A 136 -2.59 -23.97 -1.11
N MET A 137 -2.06 -23.31 -2.13
CA MET A 137 -1.18 -23.95 -3.08
C MET A 137 0.27 -24.07 -2.60
N PHE A 138 0.49 -23.86 -1.32
CA PHE A 138 1.78 -24.10 -0.70
C PHE A 138 2.08 -25.60 -0.72
N PRO A 139 3.34 -25.96 -0.98
CA PRO A 139 3.72 -27.37 -1.17
C PRO A 139 3.47 -28.30 0.01
N ILE A 140 3.38 -27.77 1.24
CA ILE A 140 3.24 -28.63 2.41
C ILE A 140 1.84 -28.57 3.05
N TYR A 141 1.29 -29.75 3.35
CA TYR A 141 -0.04 -29.84 3.92
C TYR A 141 -0.11 -29.37 5.37
N THR A 142 -1.20 -28.69 5.70
CA THR A 142 -1.50 -28.33 7.07
C THR A 142 -3.00 -28.28 7.20
N TYR A 143 -3.55 -28.97 8.21
CA TYR A 143 -4.98 -28.91 8.47
C TYR A 143 -5.36 -27.49 8.85
N THR A 144 -6.01 -26.83 7.90
CA THR A 144 -6.41 -25.44 7.96
C THR A 144 -7.10 -25.05 9.26
N GLY A 145 -7.91 -25.97 9.77
CA GLY A 145 -8.81 -25.66 10.86
C GLY A 145 -10.21 -26.21 10.63
N LYS A 146 -10.89 -26.46 11.75
CA LYS A 146 -12.29 -26.85 11.79
C LYS A 146 -13.23 -25.84 11.12
N SER A 147 -13.01 -24.54 11.40
CA SER A 147 -13.81 -23.43 10.86
C SER A 147 -14.09 -23.52 9.36
N HIS A 148 -15.11 -22.80 8.89
CA HIS A 148 -15.46 -22.94 7.49
C HIS A 148 -14.37 -22.39 6.59
N PHE A 149 -14.08 -23.12 5.53
CA PHE A 149 -12.90 -22.87 4.72
C PHE A 149 -13.05 -21.63 3.85
N MET A 150 -12.01 -20.80 3.83
CA MET A 150 -11.94 -19.69 2.89
C MET A 150 -10.69 -19.86 2.06
N LEU A 151 -10.84 -19.67 0.75
CA LEU A 151 -9.68 -19.70 -0.14
C LEU A 151 -8.84 -18.44 -0.02
N PRO A 152 -7.55 -18.62 0.32
CA PRO A 152 -6.58 -17.55 0.50
C PRO A 152 -6.44 -16.67 -0.73
N ASP A 153 -6.04 -15.41 -0.51
CA ASP A 153 -6.02 -14.42 -1.57
C ASP A 153 -5.00 -14.74 -2.65
N ASP A 154 -3.89 -15.34 -2.25
CA ASP A 154 -2.83 -15.66 -3.20
C ASP A 154 -3.42 -16.56 -4.25
N ASP A 155 -4.32 -17.42 -3.81
CA ASP A 155 -4.86 -18.44 -4.69
C ASP A 155 -5.84 -17.77 -5.64
N VAL A 156 -6.76 -16.99 -5.07
CA VAL A 156 -7.72 -16.24 -5.87
C VAL A 156 -7.01 -15.44 -6.96
N GLN A 157 -5.94 -14.75 -6.58
CA GLN A 157 -5.19 -13.97 -7.54
C GLN A 157 -4.59 -14.84 -8.63
N GLY A 158 -4.10 -16.01 -8.25
CA GLY A 158 -3.40 -16.87 -9.20
C GLY A 158 -4.34 -17.46 -10.24
N ILE A 159 -5.45 -18.02 -9.75
CA ILE A 159 -6.42 -18.63 -10.65
C ILE A 159 -7.09 -17.59 -11.56
N GLN A 160 -7.35 -16.38 -11.04
CA GLN A 160 -7.94 -15.34 -11.87
C GLN A 160 -6.94 -14.78 -12.91
N SER A 161 -5.65 -14.93 -12.65
CA SER A 161 -4.65 -14.62 -13.65
C SER A 161 -4.91 -15.47 -14.89
N LEU A 162 -5.60 -16.59 -14.71
CA LEU A 162 -5.87 -17.47 -15.83
C LEU A 162 -7.27 -17.28 -16.40
N TYR A 163 -8.27 -17.22 -15.53
CA TYR A 163 -9.66 -17.32 -15.98
C TYR A 163 -10.57 -16.22 -15.45
N GLY A 164 -10.35 -15.83 -14.21
CA GLY A 164 -11.38 -15.17 -13.41
C GLY A 164 -11.51 -13.72 -13.75
N PRO A 165 -12.42 -13.02 -13.05
CA PRO A 165 -13.33 -13.59 -12.05
C PRO A 165 -14.64 -14.10 -12.64
N GLY A 166 -15.54 -14.45 -11.73
CA GLY A 166 -16.87 -14.88 -12.09
C GLY A 166 -17.88 -13.90 -11.54
N ASP A 167 -19.16 -14.15 -11.82
CA ASP A 167 -20.20 -13.16 -11.61
C ASP A 167 -20.44 -12.81 -10.15
N GLU A 168 -20.50 -13.82 -9.29
CA GLU A 168 -20.80 -13.54 -7.89
C GLU A 168 -20.08 -14.48 -6.95
N ASP A 169 -18.86 -14.10 -6.58
CA ASP A 169 -18.12 -14.76 -5.52
C ASP A 169 -18.92 -14.60 -4.22
N PRO A 170 -19.33 -15.73 -3.62
CA PRO A 170 -20.21 -15.70 -2.44
C PRO A 170 -19.62 -15.10 -1.16
N ASN A 171 -18.31 -14.88 -1.10
CA ASN A 171 -17.72 -14.02 -0.04
C ASN A 171 -16.35 -13.44 -0.43
N PRO A 172 -16.38 -12.26 -1.07
CA PRO A 172 -15.25 -11.65 -1.80
C PRO A 172 -13.99 -11.52 -0.96
N LYS A 173 -14.17 -11.33 0.34
CA LYS A 173 -13.06 -11.04 1.25
C LYS A 173 -12.26 -12.30 1.55
N HIS A 174 -11.11 -12.43 0.90
CA HIS A 174 -10.25 -13.60 1.06
C HIS A 174 -9.01 -13.23 1.88
N PRO A 175 -8.61 -14.13 2.79
CA PRO A 175 -7.48 -13.88 3.72
C PRO A 175 -6.14 -13.64 3.00
N LYS A 176 -5.65 -12.41 3.10
CA LYS A 176 -4.31 -12.07 2.67
C LYS A 176 -3.33 -12.46 3.77
N THR A 177 -2.16 -12.92 3.39
CA THR A 177 -1.19 -13.27 4.39
C THR A 177 -0.38 -12.00 4.68
N PRO A 178 -0.09 -11.77 5.97
CA PRO A 178 0.40 -10.48 6.49
C PRO A 178 1.64 -10.06 5.75
N ASP A 179 1.92 -8.77 5.78
CA ASP A 179 3.07 -8.24 5.08
C ASP A 179 4.09 -7.72 6.09
N LYS A 180 5.26 -8.34 6.16
CA LYS A 180 6.20 -8.02 7.22
C LYS A 180 6.61 -6.55 7.16
N CYS A 181 6.46 -5.94 5.99
CA CYS A 181 7.03 -4.61 5.77
C CYS A 181 6.01 -3.47 5.59
N ASP A 182 4.73 -3.80 5.79
CA ASP A 182 3.68 -2.79 5.82
C ASP A 182 3.76 -1.97 7.10
N PRO A 183 4.13 -0.67 6.99
CA PRO A 183 4.29 0.18 8.19
C PRO A 183 3.00 0.43 8.96
N SER A 184 1.90 -0.21 8.54
CA SER A 184 0.70 -0.18 9.34
C SER A 184 0.54 -1.50 10.12
N LEU A 185 1.45 -2.44 9.86
CA LEU A 185 1.39 -3.74 10.53
C LEU A 185 1.34 -3.57 12.05
N SER A 186 0.40 -4.27 12.67
CA SER A 186 0.30 -4.31 14.11
C SER A 186 0.33 -5.76 14.57
N LEU A 187 0.94 -6.04 15.72
CA LEU A 187 1.17 -7.41 16.15
C LEU A 187 0.17 -7.97 17.17
N ASP A 188 0.00 -9.29 17.22
CA ASP A 188 -0.96 -9.92 18.13
C ASP A 188 -0.30 -10.31 19.45
N ALA A 189 0.80 -11.04 19.38
CA ALA A 189 1.61 -11.43 20.54
C ALA A 189 3.09 -11.66 20.15
N ILE A 190 4.00 -11.49 21.09
CA ILE A 190 5.42 -11.77 20.84
C ILE A 190 6.09 -12.56 21.98
N THR A 191 6.93 -13.52 21.66
CA THR A 191 7.68 -14.23 22.69
C THR A 191 9.00 -14.65 22.14
N SER A 192 9.97 -14.87 23.03
CA SER A 192 11.15 -15.62 22.72
C SER A 192 10.78 -17.07 22.72
N LEU A 193 11.42 -17.85 21.88
CA LEU A 193 11.33 -19.30 22.02
C LEU A 193 12.65 -19.92 21.61
N ARG A 194 13.37 -20.43 22.60
CA ARG A 194 14.64 -21.10 22.41
C ARG A 194 15.64 -20.18 21.72
N GLY A 195 15.55 -18.89 22.03
CA GLY A 195 16.55 -17.93 21.60
C GLY A 195 16.03 -17.13 20.45
N GLU A 196 15.00 -17.64 19.80
CA GLU A 196 14.45 -16.97 18.65
C GLU A 196 13.23 -16.12 18.98
N THR A 197 12.93 -15.14 18.15
CA THR A 197 11.77 -14.30 18.42
C THR A 197 10.50 -14.83 17.73
N MET A 198 9.44 -15.01 18.50
CA MET A 198 8.18 -15.43 17.90
C MET A 198 7.19 -14.28 17.79
N ILE A 199 6.73 -14.01 16.59
CA ILE A 199 5.86 -12.87 16.40
C ILE A 199 4.55 -13.30 15.78
N PHE A 200 3.48 -13.26 16.57
CA PHE A 200 2.17 -13.68 16.11
C PHE A 200 1.38 -12.56 15.45
N LYS A 201 0.78 -12.90 14.32
CA LYS A 201 -0.15 -12.04 13.60
C LYS A 201 -1.14 -12.97 12.89
N ASP A 202 -2.43 -12.82 13.18
CA ASP A 202 -3.44 -13.71 12.65
C ASP A 202 -3.15 -15.21 12.85
N ARG A 203 -3.25 -15.97 11.76
CA ARG A 203 -3.08 -17.42 11.83
C ARG A 203 -1.62 -17.83 11.58
N PHE A 204 -0.73 -16.85 11.71
CA PHE A 204 0.68 -17.02 11.41
C PHE A 204 1.54 -16.55 12.59
N PHE A 205 2.78 -17.02 12.63
CA PHE A 205 3.79 -16.30 13.40
C PHE A 205 5.06 -16.21 12.58
N TRP A 206 5.80 -15.12 12.75
CA TRP A 206 7.16 -15.12 12.24
C TRP A 206 8.07 -15.73 13.30
N ARG A 207 9.07 -16.50 12.87
CA ARG A 207 10.16 -16.87 13.76
C ARG A 207 11.44 -16.24 13.23
N LEU A 208 12.04 -15.40 14.04
CA LEU A 208 13.20 -14.63 13.62
C LEU A 208 14.39 -14.88 14.53
N HIS A 209 15.36 -15.61 14.00
CA HIS A 209 16.55 -15.95 14.74
C HIS A 209 17.44 -14.71 14.84
N PRO A 210 18.03 -14.49 16.04
CA PRO A 210 18.91 -13.36 16.37
C PRO A 210 19.93 -13.13 15.27
N GLN A 211 20.32 -14.19 14.59
CA GLN A 211 21.37 -14.15 13.58
C GLN A 211 20.83 -13.97 12.14
N GLN A 212 19.51 -13.93 12.00
CA GLN A 212 18.91 -13.72 10.69
C GLN A 212 18.25 -12.35 10.61
N VAL A 213 17.98 -11.94 9.38
CA VAL A 213 17.38 -10.66 9.12
C VAL A 213 16.00 -10.87 8.53
N ASP A 214 15.85 -11.92 7.73
CA ASP A 214 14.55 -12.31 7.21
C ASP A 214 13.94 -13.37 8.09
N ALA A 215 12.78 -13.09 8.67
CA ALA A 215 12.14 -14.11 9.48
C ALA A 215 11.44 -15.14 8.59
N GLU A 216 11.21 -16.34 9.11
CA GLU A 216 10.40 -17.30 8.40
C GLU A 216 8.97 -17.16 8.87
N LEU A 217 8.04 -17.58 8.02
CA LEU A 217 6.63 -17.44 8.27
C LEU A 217 5.97 -18.79 8.36
N PHE A 218 5.50 -19.14 9.55
CA PHE A 218 4.80 -20.39 9.75
C PHE A 218 3.32 -20.13 9.93
N LEU A 219 2.50 -21.13 9.62
CA LEU A 219 1.10 -21.12 10.04
C LEU A 219 1.13 -21.66 11.44
N THR A 220 0.28 -21.14 12.31
CA THR A 220 0.33 -21.55 13.71
C THR A 220 -0.08 -23.01 13.87
N LYS A 221 -1.11 -23.44 13.14
CA LYS A 221 -1.51 -24.83 13.22
C LYS A 221 -0.46 -25.76 12.58
N SER A 222 0.55 -25.19 11.94
CA SER A 222 1.65 -26.00 11.40
C SER A 222 2.45 -26.64 12.51
N PHE A 223 2.51 -25.96 13.65
CA PHE A 223 3.28 -26.38 14.82
C PHE A 223 2.33 -27.05 15.80
N TRP A 224 1.20 -26.41 16.01
CA TRP A 224 0.29 -26.79 17.08
C TRP A 224 -1.12 -26.84 16.53
N PRO A 225 -1.47 -27.96 15.90
CA PRO A 225 -2.79 -28.16 15.29
C PRO A 225 -3.92 -27.76 16.23
N GLU A 226 -3.68 -27.90 17.53
CA GLU A 226 -4.68 -27.75 18.57
C GLU A 226 -4.98 -26.31 18.94
N LEU A 227 -3.95 -25.45 18.94
CA LEU A 227 -4.10 -24.01 19.21
C LEU A 227 -4.99 -23.33 18.18
N PRO A 228 -5.62 -22.22 18.57
CA PRO A 228 -6.46 -21.46 17.65
C PRO A 228 -5.67 -20.80 16.52
N ASN A 229 -6.39 -20.07 15.68
CA ASN A 229 -5.73 -19.33 14.62
C ASN A 229 -5.18 -17.99 15.10
N ARG A 230 -6.04 -17.16 15.68
CA ARG A 230 -5.55 -15.92 16.27
C ARG A 230 -5.17 -16.13 17.74
N ILE A 231 -4.05 -15.53 18.14
CA ILE A 231 -3.53 -15.56 19.51
C ILE A 231 -3.71 -14.17 20.12
N ASP A 232 -4.16 -14.09 21.37
CA ASP A 232 -4.22 -12.80 22.07
C ASP A 232 -2.88 -12.37 22.68
N ALA A 233 -2.15 -13.33 23.25
CA ALA A 233 -0.97 -13.03 24.06
C ALA A 233 -0.09 -14.26 24.26
N ALA A 234 1.19 -14.02 24.50
CA ALA A 234 2.14 -15.11 24.67
C ALA A 234 3.37 -14.70 25.48
N TYR A 235 3.92 -15.66 26.21
CA TYR A 235 5.14 -15.42 26.97
C TYR A 235 5.86 -16.72 27.25
N GLU A 236 7.14 -16.60 27.60
CA GLU A 236 7.96 -17.78 27.80
C GLU A 236 8.43 -17.87 29.25
N HIS A 237 8.54 -19.10 29.74
CA HIS A 237 9.37 -19.43 30.90
C HIS A 237 10.60 -20.17 30.36
N PRO A 238 11.69 -19.44 30.11
CA PRO A 238 12.89 -19.93 29.43
C PRO A 238 13.61 -21.07 30.15
N SER A 239 14.16 -20.81 31.34
CA SER A 239 14.84 -21.83 32.14
C SER A 239 14.03 -23.12 32.31
N HIS A 240 12.71 -22.96 32.40
N HIS A 240 12.72 -22.97 32.40
CA HIS A 240 11.79 -24.07 32.56
CA HIS A 240 11.86 -24.14 32.57
C HIS A 240 11.47 -24.69 31.20
C HIS A 240 11.45 -24.69 31.19
N ASP A 241 11.97 -24.06 30.14
CA ASP A 241 11.73 -24.48 28.75
C ASP A 241 10.25 -24.66 28.42
N LEU A 242 9.56 -23.57 28.11
CA LEU A 242 8.11 -23.60 28.07
C LEU A 242 7.53 -22.28 27.59
N ILE A 243 6.47 -22.33 26.81
CA ILE A 243 5.83 -21.12 26.33
C ILE A 243 4.33 -21.14 26.67
N PHE A 244 3.82 -20.03 27.23
CA PHE A 244 2.39 -19.91 27.51
C PHE A 244 1.69 -19.09 26.45
N ILE A 245 0.45 -19.50 26.13
CA ILE A 245 -0.29 -18.90 25.02
C ILE A 245 -1.76 -18.65 25.37
N PHE A 246 -2.25 -17.44 25.13
CA PHE A 246 -3.57 -17.03 25.56
C PHE A 246 -4.50 -16.74 24.40
N ARG A 247 -5.77 -17.09 24.57
CA ARG A 247 -6.84 -16.68 23.65
C ARG A 247 -8.17 -16.69 24.39
N GLY A 248 -8.85 -15.56 24.38
CA GLY A 248 -10.09 -15.42 25.12
C GLY A 248 -9.84 -15.74 26.58
N ARG A 249 -10.62 -16.65 27.15
CA ARG A 249 -10.45 -17.03 28.55
C ARG A 249 -9.60 -18.28 28.75
N LYS A 250 -9.32 -19.03 27.69
CA LYS A 250 -8.44 -20.19 27.77
C LYS A 250 -6.97 -19.77 27.70
N PHE A 251 -6.08 -20.55 28.32
CA PHE A 251 -4.64 -20.38 28.10
C PHE A 251 -3.88 -21.72 28.12
N TRP A 252 -2.88 -21.87 27.26
CA TRP A 252 -2.13 -23.12 27.11
C TRP A 252 -0.67 -23.02 27.55
N ALA A 253 -0.16 -24.08 28.15
CA ALA A 253 1.28 -24.23 28.36
C ALA A 253 1.78 -25.20 27.30
N LEU A 254 2.98 -24.95 26.76
CA LEU A 254 3.49 -25.78 25.67
C LEU A 254 4.97 -26.02 25.82
N ASN A 255 5.37 -27.28 25.75
CA ASN A 255 6.78 -27.62 25.74
C ASN A 255 7.24 -28.06 24.36
N GLY A 256 7.88 -27.15 23.63
CA GLY A 256 8.13 -27.38 22.23
C GLY A 256 6.80 -27.55 21.51
N TYR A 257 6.51 -28.78 21.11
CA TYR A 257 5.47 -29.08 20.12
C TYR A 257 4.19 -29.65 20.70
N ASP A 258 4.16 -29.84 22.01
CA ASP A 258 2.99 -30.46 22.63
C ASP A 258 2.45 -29.72 23.85
N ILE A 259 1.13 -29.73 23.97
CA ILE A 259 0.42 -29.16 25.08
C ILE A 259 0.78 -29.94 26.34
N LEU A 260 0.81 -29.25 27.48
CA LEU A 260 1.10 -29.88 28.76
C LEU A 260 -0.14 -30.58 29.29
N GLU A 261 0.01 -31.30 30.39
CA GLU A 261 -1.06 -32.14 30.92
C GLU A 261 -2.20 -31.29 31.43
N GLY A 262 -3.37 -31.46 30.84
CA GLY A 262 -4.56 -30.76 31.28
C GLY A 262 -4.53 -29.27 30.96
N TYR A 263 -4.25 -28.96 29.71
CA TYR A 263 -4.40 -27.61 29.18
C TYR A 263 -5.29 -27.72 27.96
N PRO A 264 -6.08 -26.67 27.69
CA PRO A 264 -5.97 -25.37 28.33
C PRO A 264 -6.72 -25.28 29.65
N LYS A 265 -6.33 -24.30 30.44
CA LYS A 265 -7.03 -23.98 31.67
C LYS A 265 -7.76 -22.66 31.44
N LYS A 266 -8.62 -22.30 32.40
CA LYS A 266 -9.27 -21.00 32.38
C LYS A 266 -8.35 -19.97 33.06
N ILE A 267 -8.33 -18.76 32.52
CA ILE A 267 -7.50 -17.73 33.10
C ILE A 267 -7.92 -17.41 34.55
N SER A 268 -9.14 -17.77 34.93
CA SER A 268 -9.60 -17.58 36.29
C SER A 268 -8.63 -18.24 37.27
N GLU A 269 -8.13 -19.43 36.90
CA GLU A 269 -7.16 -20.15 37.72
C GLU A 269 -5.89 -19.35 37.93
N LEU A 270 -5.66 -18.38 37.06
CA LEU A 270 -4.51 -17.49 37.20
C LEU A 270 -4.81 -16.43 38.24
N GLY A 271 -6.03 -16.39 38.75
CA GLY A 271 -6.41 -15.38 39.72
C GLY A 271 -7.20 -14.20 39.16
N LEU A 272 -7.31 -14.11 37.83
CA LEU A 272 -8.06 -13.03 37.22
C LEU A 272 -9.52 -13.14 37.60
N PRO A 273 -10.24 -12.01 37.62
CA PRO A 273 -11.69 -11.95 37.83
C PRO A 273 -12.46 -12.59 36.68
N LYS A 274 -13.75 -12.31 36.58
CA LYS A 274 -14.61 -12.93 35.57
C LYS A 274 -14.94 -11.95 34.47
N GLU A 275 -14.84 -10.67 34.78
CA GLU A 275 -15.17 -9.64 33.82
C GLU A 275 -14.05 -9.46 32.82
N VAL A 276 -12.89 -10.02 33.15
CA VAL A 276 -11.76 -9.97 32.23
C VAL A 276 -11.86 -11.12 31.23
N LYS A 277 -12.17 -10.79 29.98
CA LYS A 277 -12.47 -11.82 28.99
C LYS A 277 -11.35 -12.09 27.99
N LYS A 278 -10.22 -11.41 28.18
CA LYS A 278 -9.02 -11.67 27.39
C LYS A 278 -7.75 -11.05 27.98
N ILE A 279 -6.62 -11.73 27.77
CA ILE A 279 -5.33 -11.12 28.04
C ILE A 279 -4.83 -10.51 26.74
N SER A 280 -4.53 -9.22 26.75
CA SER A 280 -4.07 -8.57 25.52
C SER A 280 -2.59 -8.78 25.18
N ALA A 281 -1.77 -8.95 26.21
CA ALA A 281 -0.32 -9.02 26.02
C ALA A 281 0.32 -9.38 27.35
N ALA A 282 1.45 -10.10 27.28
CA ALA A 282 2.05 -10.69 28.49
C ALA A 282 3.56 -10.85 28.37
N VAL A 283 4.26 -10.59 29.46
CA VAL A 283 5.72 -10.74 29.50
C VAL A 283 6.17 -11.30 30.85
N HIS A 284 7.08 -12.29 30.80
CA HIS A 284 7.64 -12.88 32.01
C HIS A 284 9.03 -12.36 32.29
N PHE A 285 9.37 -12.21 33.56
CA PHE A 285 10.71 -11.80 33.95
C PHE A 285 11.42 -12.91 34.71
N GLU A 286 12.38 -13.55 34.05
CA GLU A 286 13.06 -14.72 34.59
C GLU A 286 13.78 -14.34 35.88
N ASP A 287 14.45 -13.19 35.83
CA ASP A 287 15.06 -12.55 37.00
C ASP A 287 14.22 -12.83 38.24
N THR A 288 13.02 -12.27 38.22
CA THR A 288 12.20 -12.18 39.41
C THR A 288 11.06 -13.19 39.52
N GLY A 289 10.85 -14.00 38.49
CA GLY A 289 9.85 -15.06 38.54
C GLY A 289 8.42 -14.58 38.38
N LYS A 290 8.28 -13.35 37.92
CA LYS A 290 6.95 -12.74 37.79
C LYS A 290 6.52 -12.44 36.34
N THR A 291 5.22 -12.38 36.12
CA THR A 291 4.68 -12.21 34.79
C THR A 291 3.76 -11.02 34.76
N LEU A 292 3.92 -10.13 33.79
CA LEU A 292 2.98 -9.07 33.59
C LEU A 292 1.88 -9.55 32.64
N LEU A 293 0.62 -9.33 33.02
CA LEU A 293 -0.49 -9.67 32.15
C LEU A 293 -1.33 -8.44 31.90
N PHE A 294 -1.43 -8.02 30.64
CA PHE A 294 -2.20 -6.81 30.31
C PHE A 294 -3.58 -7.12 29.81
N SER A 295 -4.53 -6.32 30.26
CA SER A 295 -5.91 -6.44 29.80
C SER A 295 -6.56 -5.06 29.90
N GLY A 296 -7.09 -4.58 28.79
CA GLY A 296 -7.69 -3.27 28.77
C GLY A 296 -6.66 -2.21 29.12
N ASN A 297 -6.98 -1.35 30.07
CA ASN A 297 -6.00 -0.37 30.52
C ASN A 297 -5.35 -0.78 31.84
N GLN A 298 -5.55 -2.04 32.21
CA GLN A 298 -5.05 -2.55 33.48
C GLN A 298 -3.88 -3.50 33.29
N VAL A 299 -3.17 -3.79 34.37
CA VAL A 299 -2.09 -4.76 34.33
C VAL A 299 -2.02 -5.59 35.60
N TRP A 300 -1.85 -6.89 35.45
CA TRP A 300 -1.65 -7.78 36.58
C TRP A 300 -0.19 -8.25 36.68
N ARG A 301 0.30 -8.36 37.90
CA ARG A 301 1.61 -8.95 38.15
C ARG A 301 1.40 -10.26 38.91
N TYR A 302 1.63 -11.37 38.22
CA TYR A 302 1.39 -12.70 38.78
C TYR A 302 2.72 -13.38 39.09
N ASP A 303 2.74 -14.16 40.18
CA ASP A 303 3.98 -14.79 40.61
C ASP A 303 4.07 -16.18 39.98
N ASP A 304 4.85 -16.26 38.90
CA ASP A 304 4.90 -17.48 38.10
C ASP A 304 5.54 -18.59 38.94
N THR A 305 6.41 -18.20 39.86
CA THR A 305 7.08 -19.15 40.75
C THR A 305 6.12 -19.77 41.76
N ASN A 306 5.44 -18.92 42.53
CA ASN A 306 4.62 -19.40 43.64
C ASN A 306 3.14 -19.52 43.32
N HIS A 307 2.78 -19.35 42.04
CA HIS A 307 1.40 -19.52 41.58
C HIS A 307 0.37 -18.68 42.35
N ILE A 308 0.51 -17.36 42.32
CA ILE A 308 -0.46 -16.45 42.93
C ILE A 308 -0.26 -15.02 42.46
N MET A 309 -1.35 -14.28 42.31
CA MET A 309 -1.27 -12.89 41.89
C MET A 309 -0.58 -12.09 42.98
N ASP A 310 0.28 -11.15 42.60
CA ASP A 310 0.86 -10.24 43.59
C ASP A 310 -0.25 -9.36 44.13
N LYS A 311 -0.07 -8.93 45.37
CA LYS A 311 -1.03 -8.02 45.96
C LYS A 311 -0.83 -6.63 45.37
N ASP A 312 -1.90 -5.83 45.47
CA ASP A 312 -1.95 -4.47 44.96
C ASP A 312 -2.23 -4.39 43.46
N TYR A 313 -2.81 -5.45 42.92
CA TYR A 313 -3.15 -5.51 41.50
C TYR A 313 -4.63 -5.77 41.36
N PRO A 314 -5.26 -5.23 40.30
CA PRO A 314 -4.66 -4.57 39.14
C PRO A 314 -4.29 -3.10 39.34
N ARG A 315 -3.34 -2.65 38.53
CA ARG A 315 -2.99 -1.25 38.46
C ARG A 315 -3.22 -0.79 37.03
N LEU A 316 -3.25 0.52 36.81
CA LEU A 316 -3.52 1.08 35.49
C LEU A 316 -2.22 1.13 34.72
N ILE A 317 -2.23 0.68 33.46
CA ILE A 317 -1.06 0.79 32.59
C ILE A 317 -0.50 2.22 32.66
N GLU A 318 -1.40 3.20 32.68
CA GLU A 318 -0.98 4.60 32.61
C GLU A 318 -0.21 5.07 33.84
N GLU A 319 -0.37 4.38 34.96
CA GLU A 319 0.47 4.68 36.11
C GLU A 319 1.86 4.04 35.98
N ASP A 320 1.90 2.72 35.88
CA ASP A 320 3.15 1.98 35.98
C ASP A 320 4.05 2.14 34.76
N PHE A 321 3.46 2.50 33.62
CA PHE A 321 4.21 2.77 32.40
C PHE A 321 3.52 3.90 31.67
N PRO A 322 3.80 5.15 32.07
CA PRO A 322 3.01 6.19 31.40
C PRO A 322 3.55 6.52 30.01
N GLY A 323 2.66 6.96 29.14
CA GLY A 323 3.08 7.53 27.87
C GLY A 323 3.05 6.52 26.74
N ILE A 324 2.40 5.39 26.96
CA ILE A 324 2.31 4.44 25.88
C ILE A 324 0.87 4.19 25.49
N GLY A 325 0.02 5.18 25.76
CA GLY A 325 -1.40 5.02 25.54
C GLY A 325 -1.98 4.11 26.60
N ASP A 326 -3.20 3.65 26.36
CA ASP A 326 -3.90 2.90 27.39
C ASP A 326 -4.25 1.48 27.00
N LYS A 327 -3.48 0.93 26.07
CA LYS A 327 -3.64 -0.45 25.66
C LYS A 327 -2.26 -1.06 25.35
N VAL A 328 -2.18 -2.39 25.32
CA VAL A 328 -0.94 -3.07 24.97
C VAL A 328 -1.25 -4.29 24.12
N ASP A 329 -0.80 -4.26 22.87
CA ASP A 329 -1.17 -5.31 21.94
C ASP A 329 -0.30 -6.53 22.12
N ALA A 330 1.00 -6.29 22.23
CA ALA A 330 1.97 -7.35 22.44
C ALA A 330 3.12 -6.74 23.21
N VAL A 331 3.82 -7.57 23.95
CA VAL A 331 4.97 -7.07 24.67
C VAL A 331 6.00 -8.18 24.85
N TYR A 332 7.26 -7.82 24.74
CA TYR A 332 8.30 -8.68 25.20
C TYR A 332 9.35 -7.81 25.89
N GLU A 333 10.37 -8.45 26.43
CA GLU A 333 11.43 -7.72 27.13
C GLU A 333 12.80 -8.26 26.76
N LYS A 334 13.81 -7.41 26.76
CA LYS A 334 15.15 -7.90 26.52
C LYS A 334 16.20 -6.98 27.14
N ASN A 335 16.87 -7.49 28.16
CA ASN A 335 17.99 -6.80 28.78
C ASN A 335 17.64 -5.44 29.35
N GLY A 336 16.56 -5.39 30.14
CA GLY A 336 16.19 -4.17 30.85
C GLY A 336 15.24 -3.31 30.05
N TYR A 337 14.94 -3.75 28.84
CA TYR A 337 14.10 -2.97 27.96
C TYR A 337 12.83 -3.73 27.67
N ILE A 338 11.70 -3.06 27.87
CA ILE A 338 10.41 -3.62 27.54
C ILE A 338 9.93 -2.98 26.24
N TYR A 339 9.30 -3.77 25.40
CA TYR A 339 8.87 -3.26 24.12
C TYR A 339 7.38 -3.43 24.10
N PHE A 340 6.70 -2.29 23.98
CA PHE A 340 5.27 -2.18 24.09
C PHE A 340 4.72 -1.82 22.72
N PHE A 341 3.79 -2.63 22.21
CA PHE A 341 3.26 -2.45 20.87
C PHE A 341 1.83 -1.92 20.97
N ASN A 342 1.61 -0.72 20.44
CA ASN A 342 0.29 -0.11 20.41
C ASN A 342 0.02 0.23 18.95
N GLY A 343 -0.87 -0.53 18.32
CA GLY A 343 -1.07 -0.43 16.87
C GLY A 343 0.21 -0.60 16.08
N PRO A 344 0.46 0.33 15.14
CA PRO A 344 1.63 0.31 14.26
C PRO A 344 2.88 0.91 14.90
N ILE A 345 2.78 1.30 16.16
CA ILE A 345 3.94 1.83 16.87
C ILE A 345 4.48 0.86 17.93
N GLN A 346 5.78 0.97 18.19
CA GLN A 346 6.41 0.26 19.27
C GLN A 346 7.18 1.24 20.21
N PHE A 347 6.93 1.15 21.52
CA PHE A 347 7.65 1.95 22.52
C PHE A 347 8.76 1.15 23.17
N GLU A 348 9.95 1.71 23.29
CA GLU A 348 11.00 1.04 24.04
C GLU A 348 11.06 1.61 25.47
N TYR A 349 10.58 0.82 26.42
CA TYR A 349 10.51 1.27 27.79
C TYR A 349 11.68 0.76 28.60
N SER A 350 12.49 1.68 29.12
CA SER A 350 13.63 1.31 29.95
C SER A 350 13.20 1.13 31.40
N ILE A 351 13.32 -0.10 31.89
CA ILE A 351 13.15 -0.36 33.31
C ILE A 351 14.14 0.47 34.11
N TRP A 352 15.38 0.56 33.61
CA TRP A 352 16.45 1.26 34.30
C TRP A 352 16.07 2.67 34.67
N SER A 353 15.98 3.54 33.66
CA SER A 353 15.61 4.95 33.88
C SER A 353 14.12 5.15 34.05
N ASN A 354 13.36 4.07 33.96
CA ASN A 354 11.90 4.11 34.14
C ASN A 354 11.18 5.08 33.22
N ARG A 355 11.53 5.02 31.93
CA ARG A 355 10.88 5.87 30.94
C ARG A 355 11.12 5.33 29.52
N ILE A 356 10.56 6.02 28.53
CA ILE A 356 10.67 5.58 27.15
C ILE A 356 11.93 6.08 26.46
N VAL A 357 12.86 5.18 26.17
CA VAL A 357 14.10 5.53 25.51
C VAL A 357 13.81 6.02 24.09
N ARG A 358 13.34 5.12 23.24
CA ARG A 358 13.01 5.51 21.88
C ARG A 358 11.65 4.99 21.42
N VAL A 359 11.25 5.38 20.22
CA VAL A 359 9.93 5.07 19.69
C VAL A 359 10.11 4.70 18.22
N MET A 360 9.39 3.70 17.73
CA MET A 360 9.74 3.13 16.42
C MET A 360 8.64 2.25 15.82
N PRO A 361 8.66 2.06 14.50
CA PRO A 361 7.53 1.34 13.92
C PRO A 361 7.52 -0.10 14.36
N ALA A 362 6.34 -0.62 14.61
CA ALA A 362 6.20 -1.96 15.15
C ALA A 362 6.93 -2.97 14.28
N ASN A 363 6.83 -2.80 12.97
CA ASN A 363 7.44 -3.74 12.04
C ASN A 363 8.96 -3.69 11.99
N SER A 364 9.56 -2.78 12.73
CA SER A 364 11.01 -2.71 12.71
C SER A 364 11.62 -3.88 13.48
N ILE A 365 10.81 -4.60 14.26
CA ILE A 365 11.24 -5.88 14.81
C ILE A 365 11.44 -6.91 13.70
N LEU A 366 10.74 -6.73 12.58
CA LEU A 366 10.84 -7.61 11.41
C LEU A 366 11.85 -7.08 10.40
N TRP A 367 12.83 -6.33 10.90
CA TRP A 367 13.95 -5.78 10.12
C TRP A 367 13.56 -4.85 8.98
N CYS A 368 12.32 -4.37 8.99
CA CYS A 368 11.86 -3.46 7.95
C CYS A 368 12.55 -2.10 8.03
N TYR B 1 -2.65 8.30 -16.50
CA TYR B 1 -2.61 8.75 -17.89
C TYR B 1 -3.65 8.10 -18.83
N ASN B 2 -3.85 8.73 -19.99
CA ASN B 2 -4.69 8.14 -21.02
C ASN B 2 -4.10 8.24 -22.40
N VAL B 3 -4.22 7.15 -23.16
CA VAL B 3 -3.87 7.17 -24.56
C VAL B 3 -5.12 7.22 -25.42
N PHE B 4 -4.92 7.44 -26.72
CA PHE B 4 -6.01 7.38 -27.67
C PHE B 4 -6.07 5.93 -28.19
N PRO B 5 -6.98 5.64 -29.14
CA PRO B 5 -6.86 4.33 -29.77
C PRO B 5 -5.44 4.17 -30.33
N ARG B 6 -4.82 3.00 -30.21
CA ARG B 6 -3.45 2.89 -30.69
C ARG B 6 -3.32 2.99 -32.22
N THR B 7 -4.44 3.26 -32.90
CA THR B 7 -4.41 3.74 -34.27
C THR B 7 -3.51 4.99 -34.31
N LEU B 8 -3.79 5.88 -33.36
CA LEU B 8 -3.23 7.22 -33.32
C LEU B 8 -1.89 7.20 -32.62
N LYS B 9 -0.86 6.86 -33.36
CA LYS B 9 0.49 6.89 -32.85
C LYS B 9 1.44 7.01 -34.05
N TRP B 10 2.52 7.76 -33.89
CA TRP B 10 3.48 7.92 -34.95
C TRP B 10 4.22 6.61 -35.22
N SER B 11 4.44 6.28 -36.49
CA SER B 11 5.15 5.05 -36.82
C SER B 11 6.59 5.33 -37.28
N LYS B 12 7.11 6.50 -36.91
CA LYS B 12 8.50 6.83 -37.14
C LYS B 12 9.06 7.55 -35.92
N MET B 13 10.37 7.78 -35.92
CA MET B 13 11.01 8.46 -34.79
C MET B 13 11.53 9.84 -35.15
N ASN B 14 11.79 10.05 -36.44
CA ASN B 14 12.13 11.38 -36.91
C ASN B 14 10.83 12.12 -37.09
N LEU B 15 10.61 13.14 -36.28
CA LEU B 15 9.39 13.92 -36.39
C LEU B 15 9.71 15.33 -36.82
N THR B 16 8.91 15.86 -37.75
CA THR B 16 9.14 17.24 -38.14
C THR B 16 8.06 18.16 -37.63
N TYR B 17 8.45 19.39 -37.35
CA TYR B 17 7.51 20.45 -37.08
C TYR B 17 7.94 21.71 -37.78
N ARG B 18 6.98 22.58 -37.95
CA ARG B 18 7.20 23.87 -38.55
C ARG B 18 6.36 24.91 -37.83
N ILE B 19 6.94 26.08 -37.56
CA ILE B 19 6.20 27.20 -36.97
C ILE B 19 5.69 28.10 -38.09
N VAL B 20 4.38 28.13 -38.29
CA VAL B 20 3.80 28.77 -39.46
C VAL B 20 3.67 30.28 -39.27
N ASN B 21 3.30 30.68 -38.06
CA ASN B 21 3.29 32.09 -37.71
C ASN B 21 3.69 32.28 -36.24
N TYR B 22 3.54 33.49 -35.72
CA TYR B 22 4.10 33.74 -34.40
C TYR B 22 3.25 34.72 -33.57
N THR B 23 3.31 34.59 -32.24
CA THR B 23 2.69 35.57 -31.37
C THR B 23 3.48 36.87 -31.46
N PRO B 24 2.77 37.99 -31.38
CA PRO B 24 3.41 39.32 -31.39
C PRO B 24 4.12 39.63 -30.07
N ASP B 25 3.94 38.75 -29.07
CA ASP B 25 4.35 39.07 -27.71
C ASP B 25 5.77 38.58 -27.38
N MET B 26 6.34 37.77 -28.26
CA MET B 26 7.67 37.23 -28.06
C MET B 26 8.40 37.24 -29.39
N THR B 27 9.72 37.36 -29.37
CA THR B 27 10.45 37.42 -30.61
C THR B 27 10.44 36.04 -31.19
N HIS B 28 10.65 35.94 -32.50
CA HIS B 28 10.68 34.66 -33.15
C HIS B 28 11.62 33.69 -32.44
N SER B 29 12.80 34.15 -32.06
CA SER B 29 13.76 33.23 -31.46
C SER B 29 13.30 32.80 -30.06
N GLU B 30 12.64 33.70 -29.33
CA GLU B 30 12.05 33.35 -28.03
C GLU B 30 11.04 32.22 -28.23
N VAL B 31 10.20 32.37 -29.23
CA VAL B 31 9.23 31.34 -29.55
C VAL B 31 9.92 30.01 -29.84
N GLU B 32 10.76 29.98 -30.89
CA GLU B 32 11.49 28.77 -31.28
C GLU B 32 12.07 28.08 -30.06
N LYS B 33 12.65 28.88 -29.17
CA LYS B 33 13.29 28.39 -27.96
C LYS B 33 12.27 27.62 -27.12
N ALA B 34 11.12 28.23 -26.91
CA ALA B 34 10.05 27.64 -26.12
C ALA B 34 9.59 26.28 -26.69
N PHE B 35 9.30 26.23 -27.99
CA PHE B 35 8.89 25.00 -28.63
C PHE B 35 10.00 23.97 -28.64
N LYS B 36 11.25 24.45 -28.69
CA LYS B 36 12.42 23.58 -28.62
C LYS B 36 12.44 22.82 -27.28
N LYS B 37 12.29 23.57 -26.20
CA LYS B 37 12.34 23.06 -24.86
C LYS B 37 11.18 22.12 -24.64
N ALA B 38 9.98 22.55 -25.04
CA ALA B 38 8.80 21.69 -25.01
C ALA B 38 9.00 20.33 -25.69
N PHE B 39 9.47 20.30 -26.94
CA PHE B 39 9.71 19.01 -27.60
C PHE B 39 10.77 18.22 -26.84
N LYS B 40 11.73 18.91 -26.23
CA LYS B 40 12.86 18.20 -25.62
C LYS B 40 12.42 17.34 -24.44
N VAL B 41 11.40 17.83 -23.74
CA VAL B 41 10.74 17.17 -22.63
C VAL B 41 10.33 15.72 -22.96
N TRP B 42 9.81 15.52 -24.17
CA TRP B 42 9.37 14.19 -24.58
C TRP B 42 10.48 13.39 -25.22
N SER B 43 11.32 14.05 -26.00
CA SER B 43 12.43 13.37 -26.66
C SER B 43 13.42 12.83 -25.62
N ASP B 44 13.60 13.56 -24.52
CA ASP B 44 14.45 13.13 -23.40
C ASP B 44 14.07 11.76 -22.86
N VAL B 45 12.78 11.43 -22.91
CA VAL B 45 12.32 10.19 -22.29
C VAL B 45 11.79 9.14 -23.28
N THR B 46 12.01 9.35 -24.58
CA THR B 46 11.53 8.46 -25.63
C THR B 46 12.57 8.40 -26.74
N PRO B 47 12.38 7.52 -27.74
CA PRO B 47 13.29 7.53 -28.90
C PRO B 47 12.99 8.62 -29.93
N LEU B 48 11.97 9.44 -29.70
CA LEU B 48 11.55 10.43 -30.67
C LEU B 48 12.54 11.58 -30.80
N ASN B 49 12.61 12.15 -32.01
CA ASN B 49 13.44 13.32 -32.30
C ASN B 49 12.65 14.34 -33.09
N PHE B 50 12.99 15.61 -32.95
CA PHE B 50 12.27 16.69 -33.62
C PHE B 50 13.19 17.66 -34.35
N THR B 51 12.81 17.94 -35.59
CA THR B 51 13.55 18.88 -36.41
C THR B 51 12.64 19.95 -36.95
N ARG B 52 12.96 21.20 -36.65
CA ARG B 52 12.20 22.33 -37.17
C ARG B 52 12.45 22.51 -38.67
N LEU B 53 11.39 22.84 -39.39
CA LEU B 53 11.45 23.09 -40.82
C LEU B 53 11.10 24.55 -41.06
N HIS B 54 11.73 25.17 -42.07
CA HIS B 54 11.52 26.60 -42.33
C HIS B 54 10.53 26.89 -43.43
N ASP B 55 10.00 25.83 -44.05
CA ASP B 55 8.95 25.94 -45.06
C ASP B 55 8.50 24.54 -45.45
N GLY B 56 7.46 24.46 -46.27
CA GLY B 56 6.95 23.16 -46.68
C GLY B 56 6.00 22.55 -45.66
N ILE B 57 5.64 21.30 -45.87
CA ILE B 57 4.69 20.67 -44.96
C ILE B 57 5.40 19.77 -43.94
N ALA B 58 5.19 20.06 -42.66
CA ALA B 58 5.80 19.25 -41.61
C ALA B 58 4.80 18.32 -40.90
N ASP B 59 5.34 17.28 -40.29
CA ASP B 59 4.54 16.36 -39.49
C ASP B 59 3.67 17.12 -38.48
N ILE B 60 4.25 18.09 -37.79
CA ILE B 60 3.52 18.86 -36.82
C ILE B 60 3.49 20.35 -37.15
N MET B 61 2.40 20.79 -37.78
CA MET B 61 2.24 22.20 -38.06
C MET B 61 1.86 22.92 -36.80
N ILE B 62 2.58 23.98 -36.48
CA ILE B 62 2.25 24.81 -35.31
C ILE B 62 1.82 26.22 -35.73
N SER B 63 0.76 26.74 -35.11
CA SER B 63 0.26 28.07 -35.45
C SER B 63 -0.50 28.76 -34.33
N PHE B 64 -0.59 30.09 -34.42
CA PHE B 64 -1.37 30.89 -33.47
C PHE B 64 -2.62 31.42 -34.15
N GLY B 65 -3.77 31.34 -33.48
CA GLY B 65 -5.00 31.78 -34.09
C GLY B 65 -5.84 32.70 -33.23
N ILE B 66 -6.62 33.56 -33.88
CA ILE B 66 -7.57 34.40 -33.15
C ILE B 66 -8.99 33.96 -33.48
N LYS B 67 -9.75 33.63 -32.43
CA LYS B 67 -11.11 33.08 -32.58
C LYS B 67 -11.16 31.98 -33.62
N GLU B 68 -11.85 32.27 -34.72
CA GLU B 68 -11.97 31.33 -35.81
C GLU B 68 -10.72 31.43 -36.68
N HIS B 69 -10.24 30.29 -37.16
CA HIS B 69 -8.96 30.31 -37.86
C HIS B 69 -8.77 29.17 -38.83
N GLY B 70 -9.85 28.50 -39.24
CA GLY B 70 -9.72 27.56 -40.34
C GLY B 70 -10.19 26.16 -40.07
N ASP B 71 -9.95 25.63 -38.88
CA ASP B 71 -10.68 24.45 -38.42
C ASP B 71 -12.03 25.02 -38.03
N PHE B 72 -12.92 24.27 -37.40
CA PHE B 72 -14.13 24.99 -36.98
C PHE B 72 -14.30 25.05 -35.47
N TYR B 73 -13.16 25.12 -34.79
CA TYR B 73 -13.12 25.12 -33.33
C TYR B 73 -12.48 26.41 -32.86
N PRO B 74 -13.30 27.43 -32.65
CA PRO B 74 -12.84 28.81 -32.47
C PRO B 74 -12.21 29.05 -31.10
N PHE B 75 -11.15 29.85 -31.07
CA PHE B 75 -10.58 30.27 -29.80
C PHE B 75 -11.48 31.33 -29.19
N ASP B 76 -11.14 31.90 -28.03
CA ASP B 76 -12.17 32.56 -27.23
C ASP B 76 -11.75 33.86 -26.54
N GLY B 77 -10.76 34.55 -27.09
CA GLY B 77 -10.24 35.74 -26.44
C GLY B 77 -9.30 35.37 -25.31
N PRO B 78 -8.83 36.37 -24.54
CA PRO B 78 -7.85 36.13 -23.48
C PRO B 78 -8.41 35.18 -22.43
N SER B 79 -7.56 34.26 -21.97
CA SER B 79 -7.93 33.15 -21.08
C SER B 79 -8.96 32.16 -21.64
N GLY B 80 -9.40 31.25 -20.78
CA GLY B 80 -10.34 30.21 -21.18
C GLY B 80 -9.54 29.17 -21.88
N LEU B 81 -9.80 29.01 -23.17
CA LEU B 81 -9.02 28.11 -24.01
C LEU B 81 -7.65 28.68 -24.26
N LEU B 82 -6.62 27.84 -24.20
CA LEU B 82 -5.26 28.32 -24.39
C LEU B 82 -4.72 27.84 -25.74
N ALA B 83 -5.01 26.58 -26.04
CA ALA B 83 -4.57 25.99 -27.28
C ALA B 83 -5.47 24.81 -27.61
N HIS B 84 -5.29 24.22 -28.78
CA HIS B 84 -5.77 22.86 -29.01
C HIS B 84 -4.89 22.09 -30.01
N ALA B 85 -4.80 20.78 -29.80
CA ALA B 85 -3.94 19.96 -30.63
C ALA B 85 -4.68 18.71 -31.08
N PHE B 86 -4.15 18.06 -32.11
CA PHE B 86 -4.71 16.82 -32.65
C PHE B 86 -3.69 15.71 -32.45
N PRO B 87 -4.16 14.50 -32.14
CA PRO B 87 -3.33 13.30 -31.98
C PRO B 87 -2.68 12.87 -33.31
N PRO B 88 -1.63 12.02 -33.26
CA PRO B 88 -0.82 11.78 -34.46
C PRO B 88 -1.63 11.22 -35.63
N GLY B 89 -1.39 11.74 -36.83
CA GLY B 89 -2.03 11.28 -38.03
C GLY B 89 -1.66 12.19 -39.17
N PRO B 90 -2.07 11.81 -40.40
CA PRO B 90 -1.77 12.66 -41.55
C PRO B 90 -2.45 14.02 -41.43
N ASN B 91 -1.96 15.01 -42.17
CA ASN B 91 -2.61 16.33 -42.29
C ASN B 91 -2.75 17.14 -41.01
N TYR B 92 -3.97 17.22 -40.47
CA TYR B 92 -4.16 17.94 -39.23
C TYR B 92 -3.58 17.18 -38.06
N GLY B 93 -3.48 15.86 -38.21
CA GLY B 93 -2.92 15.03 -37.17
C GLY B 93 -1.57 15.56 -36.76
N GLY B 94 -1.28 15.53 -35.46
CA GLY B 94 -0.04 16.07 -34.93
C GLY B 94 -0.07 17.56 -34.61
N ASP B 95 -0.94 18.32 -35.26
CA ASP B 95 -0.81 19.78 -35.22
C ASP B 95 -1.19 20.39 -33.90
N ALA B 96 -0.71 21.60 -33.65
CA ALA B 96 -1.07 22.33 -32.44
C ALA B 96 -1.35 23.80 -32.77
N HIS B 97 -2.46 24.32 -32.24
CA HIS B 97 -2.85 25.71 -32.44
C HIS B 97 -2.97 26.44 -31.11
N PHE B 98 -2.43 27.65 -31.02
CA PHE B 98 -2.48 28.42 -29.77
C PHE B 98 -3.37 29.65 -29.91
N ASP B 99 -4.19 29.94 -28.90
CA ASP B 99 -5.00 31.15 -28.93
C ASP B 99 -4.09 32.36 -29.04
N ASP B 100 -4.24 33.13 -30.10
CA ASP B 100 -3.35 34.26 -30.31
C ASP B 100 -3.81 35.50 -29.56
N ASP B 101 -5.04 35.50 -29.06
CA ASP B 101 -5.46 36.58 -28.14
C ASP B 101 -4.76 36.49 -26.77
N GLU B 102 -4.00 35.42 -26.56
CA GLU B 102 -3.33 35.24 -25.28
C GLU B 102 -2.05 36.04 -25.21
N THR B 103 -1.64 36.38 -23.99
CA THR B 103 -0.40 37.10 -23.80
C THR B 103 0.72 36.14 -23.44
N TRP B 104 1.33 35.60 -24.49
CA TRP B 104 2.38 34.62 -24.31
C TRP B 104 3.65 35.27 -23.75
N THR B 105 4.26 34.59 -22.77
CA THR B 105 5.51 35.06 -22.17
C THR B 105 6.52 33.92 -21.98
N SER B 106 7.66 34.28 -21.43
CA SER B 106 8.67 33.31 -21.01
C SER B 106 8.89 33.45 -19.49
N SER B 107 7.81 33.77 -18.78
CA SER B 107 7.89 34.16 -17.38
C SER B 107 6.62 33.79 -16.59
N SER B 108 6.33 34.59 -15.55
CA SER B 108 5.15 34.38 -14.71
C SER B 108 3.97 35.22 -15.15
N LYS B 109 4.20 36.19 -16.02
CA LYS B 109 3.08 36.99 -16.49
C LYS B 109 2.37 36.25 -17.63
N GLY B 110 1.20 36.76 -18.02
CA GLY B 110 0.38 36.16 -19.05
C GLY B 110 0.37 34.65 -18.99
N TYR B 111 0.51 33.99 -20.15
CA TYR B 111 0.60 32.54 -20.16
C TYR B 111 1.95 32.12 -20.70
N ASN B 112 2.49 31.04 -20.15
CA ASN B 112 3.83 30.62 -20.49
C ASN B 112 3.81 29.68 -21.67
N LEU B 113 4.32 30.12 -22.82
CA LEU B 113 4.18 29.33 -24.03
C LEU B 113 4.85 27.97 -23.91
N PHE B 114 5.92 27.87 -23.12
CA PHE B 114 6.60 26.59 -23.01
C PHE B 114 5.71 25.55 -22.30
N LEU B 115 5.12 25.97 -21.18
CA LEU B 115 4.26 25.09 -20.39
C LEU B 115 3.09 24.59 -21.25
N VAL B 116 2.38 25.52 -21.87
CA VAL B 116 1.23 25.19 -22.68
C VAL B 116 1.60 24.28 -23.87
N ALA B 117 2.74 24.58 -24.50
CA ALA B 117 3.16 23.81 -25.67
C ALA B 117 3.51 22.38 -25.30
N ALA B 118 4.10 22.23 -24.11
CA ALA B 118 4.53 20.94 -23.62
C ALA B 118 3.30 20.06 -23.54
N HIS B 119 2.27 20.60 -22.91
CA HIS B 119 0.96 19.97 -22.82
C HIS B 119 0.48 19.58 -24.21
N ALA B 120 0.25 20.58 -25.06
CA ALA B 120 -0.18 20.34 -26.43
C ALA B 120 0.60 19.25 -27.17
N PHE B 121 1.92 19.30 -27.10
CA PHE B 121 2.72 18.36 -27.87
C PHE B 121 2.50 16.94 -27.37
N GLY B 122 2.12 16.80 -26.10
CA GLY B 122 1.65 15.52 -25.60
C GLY B 122 0.54 14.93 -26.46
N HIS B 123 -0.44 15.75 -26.83
CA HIS B 123 -1.51 15.27 -27.70
C HIS B 123 -0.92 14.99 -29.07
N SER B 124 -0.03 15.88 -29.52
CA SER B 124 0.64 15.72 -30.81
C SER B 124 1.29 14.36 -30.90
N LEU B 125 1.69 13.86 -29.74
CA LEU B 125 2.48 12.63 -29.62
C LEU B 125 1.65 11.40 -29.25
N GLY B 126 0.36 11.60 -29.00
CA GLY B 126 -0.53 10.47 -28.80
C GLY B 126 -1.13 10.31 -27.42
N LEU B 127 -0.92 11.29 -26.53
CA LEU B 127 -1.50 11.26 -25.18
C LEU B 127 -2.80 12.02 -25.09
N ASP B 128 -3.78 11.45 -24.39
CA ASP B 128 -5.00 12.18 -24.11
C ASP B 128 -4.87 12.76 -22.69
N HIS B 129 -5.83 13.56 -22.26
CA HIS B 129 -5.75 14.15 -20.94
C HIS B 129 -5.69 13.12 -19.82
N SER B 130 -4.89 13.44 -18.83
CA SER B 130 -4.75 12.63 -17.65
C SER B 130 -5.67 13.14 -16.55
N LYS B 131 -6.16 12.21 -15.72
CA LYS B 131 -6.95 12.53 -14.55
C LYS B 131 -6.08 12.82 -13.34
N ASP B 132 -4.78 12.51 -13.43
CA ASP B 132 -3.85 12.75 -12.33
C ASP B 132 -3.66 14.26 -12.21
N PRO B 133 -4.03 14.84 -11.07
CA PRO B 133 -3.89 16.30 -10.97
C PRO B 133 -2.44 16.75 -11.00
N GLY B 134 -1.52 15.79 -10.89
CA GLY B 134 -0.10 16.10 -10.90
C GLY B 134 0.56 15.85 -12.23
N ALA B 135 -0.24 15.52 -13.24
CA ALA B 135 0.27 15.36 -14.59
C ALA B 135 0.32 16.67 -15.38
N LEU B 136 1.12 16.66 -16.44
CA LEU B 136 1.20 17.76 -17.38
C LEU B 136 -0.04 17.69 -18.29
N MET B 137 -0.56 16.48 -18.47
CA MET B 137 -1.72 16.31 -19.33
C MET B 137 -3.09 16.52 -18.63
N PHE B 138 -3.08 16.99 -17.40
CA PHE B 138 -4.32 17.35 -16.74
C PHE B 138 -4.96 18.50 -17.54
N PRO B 139 -6.31 18.55 -17.67
CA PRO B 139 -6.93 19.46 -18.63
C PRO B 139 -6.86 20.95 -18.29
N ILE B 140 -6.47 21.25 -17.06
CA ILE B 140 -6.43 22.61 -16.61
C ILE B 140 -4.98 23.04 -16.43
N TYR B 141 -4.69 24.26 -16.88
CA TYR B 141 -3.35 24.83 -16.82
C TYR B 141 -3.04 25.36 -15.44
N THR B 142 -1.79 25.19 -15.03
CA THR B 142 -1.25 25.78 -13.81
C THR B 142 0.14 26.29 -14.16
N TYR B 143 0.46 27.53 -13.79
CA TYR B 143 1.84 27.97 -13.91
C TYR B 143 2.71 27.40 -12.79
N THR B 144 3.60 26.47 -13.13
CA THR B 144 4.40 25.76 -12.13
C THR B 144 5.76 26.37 -11.75
N GLY B 145 5.82 27.69 -11.62
CA GLY B 145 6.99 28.36 -11.07
C GLY B 145 8.21 28.44 -11.96
N LYS B 146 9.30 28.97 -11.42
CA LYS B 146 10.55 29.11 -12.16
C LYS B 146 11.57 28.06 -11.73
N SER B 147 11.13 27.14 -10.89
CA SER B 147 11.83 25.88 -10.66
C SER B 147 12.07 25.23 -12.02
N HIS B 148 13.32 24.88 -12.32
CA HIS B 148 13.60 24.25 -13.61
C HIS B 148 12.77 22.98 -13.80
N PHE B 149 11.92 23.03 -14.83
CA PHE B 149 10.84 22.07 -15.07
C PHE B 149 11.28 20.62 -15.19
N MET B 150 10.48 19.73 -14.61
CA MET B 150 10.63 18.30 -14.84
C MET B 150 9.32 17.64 -15.18
N LEU B 151 9.36 16.71 -16.13
CA LEU B 151 8.15 16.09 -16.65
C LEU B 151 7.71 15.00 -15.71
N PRO B 152 6.47 15.12 -15.18
CA PRO B 152 5.88 14.26 -14.15
C PRO B 152 5.84 12.80 -14.54
N ASP B 153 5.85 11.92 -13.54
CA ASP B 153 5.92 10.48 -13.76
C ASP B 153 4.75 9.98 -14.59
N ASP B 154 3.58 10.55 -14.36
CA ASP B 154 2.38 10.11 -15.08
C ASP B 154 2.57 10.31 -16.57
N ASP B 155 3.16 11.44 -16.95
CA ASP B 155 3.41 11.75 -18.35
C ASP B 155 4.55 10.88 -18.87
N VAL B 156 5.55 10.64 -18.04
CA VAL B 156 6.66 9.79 -18.46
C VAL B 156 6.15 8.39 -18.78
N GLN B 157 5.39 7.83 -17.85
CA GLN B 157 4.83 6.50 -18.01
C GLN B 157 3.96 6.34 -19.25
N GLY B 158 3.09 7.31 -19.49
CA GLY B 158 2.22 7.29 -20.64
C GLY B 158 2.86 7.38 -22.00
N ILE B 159 3.82 8.29 -22.15
CA ILE B 159 4.56 8.46 -23.39
C ILE B 159 5.37 7.22 -23.73
N GLN B 160 5.99 6.64 -22.70
CA GLN B 160 6.78 5.43 -22.81
C GLN B 160 5.92 4.26 -23.24
N SER B 161 4.68 4.24 -22.76
CA SER B 161 3.76 3.17 -23.05
C SER B 161 3.56 3.11 -24.55
N LEU B 162 3.72 4.25 -25.22
CA LEU B 162 3.55 4.28 -26.66
C LEU B 162 4.86 4.04 -27.40
N TYR B 163 5.94 4.60 -26.88
CA TYR B 163 7.18 4.65 -27.64
C TYR B 163 8.35 4.01 -26.94
N GLY B 164 8.16 3.64 -25.69
CA GLY B 164 9.24 3.08 -24.91
C GLY B 164 10.22 4.16 -24.54
N PRO B 165 11.24 3.81 -23.76
CA PRO B 165 12.25 4.82 -23.40
C PRO B 165 13.24 4.97 -24.53
N GLY B 166 14.13 5.95 -24.44
CA GLY B 166 15.17 6.12 -25.43
C GLY B 166 16.48 6.50 -24.76
N ASP B 167 17.46 5.60 -24.83
CA ASP B 167 18.78 5.81 -24.23
C ASP B 167 18.73 6.09 -22.73
N GLU B 168 18.98 7.34 -22.37
CA GLU B 168 18.98 7.72 -20.97
C GLU B 168 18.29 9.05 -20.83
N ASP B 169 17.93 9.37 -19.60
CA ASP B 169 17.33 10.63 -19.20
C ASP B 169 18.45 11.56 -18.72
N PRO B 170 18.62 12.70 -19.40
CA PRO B 170 19.48 13.78 -18.89
C PRO B 170 19.00 14.22 -17.51
N ASN B 171 17.69 14.36 -17.38
CA ASN B 171 17.03 14.81 -16.17
C ASN B 171 16.06 13.74 -15.64
N PRO B 172 16.58 12.74 -14.90
CA PRO B 172 15.77 11.59 -14.43
C PRO B 172 14.87 11.88 -13.24
N LYS B 173 14.76 13.13 -12.80
CA LYS B 173 13.78 13.49 -11.78
C LYS B 173 12.37 13.65 -12.43
N HIS B 174 11.43 12.82 -12.00
CA HIS B 174 10.06 12.83 -12.52
C HIS B 174 9.03 12.58 -11.40
N PRO B 175 8.59 13.66 -10.72
CA PRO B 175 7.78 13.57 -9.49
C PRO B 175 6.57 12.64 -9.61
N LYS B 176 6.46 11.67 -8.71
CA LYS B 176 5.25 10.86 -8.64
C LYS B 176 4.20 11.55 -7.76
N THR B 177 2.95 11.23 -8.02
CA THR B 177 1.83 11.88 -7.36
C THR B 177 1.50 11.07 -6.12
N PRO B 178 1.30 11.72 -4.98
CA PRO B 178 1.11 10.96 -3.74
C PRO B 178 -0.22 10.23 -3.76
N ASP B 179 -0.23 9.03 -3.19
CA ASP B 179 -1.45 8.25 -3.15
C ASP B 179 -1.96 8.23 -1.71
N LYS B 180 -3.18 8.76 -1.50
CA LYS B 180 -3.69 9.03 -0.17
C LYS B 180 -3.76 7.81 0.74
N CYS B 181 -3.89 6.62 0.18
CA CYS B 181 -3.98 5.42 1.02
C CYS B 181 -2.77 4.50 0.85
N ASP B 182 -1.66 5.08 0.38
CA ASP B 182 -0.36 4.46 0.44
C ASP B 182 -0.06 4.10 1.89
N PRO B 183 0.19 2.82 2.17
CA PRO B 183 0.59 2.33 3.49
C PRO B 183 1.80 3.06 4.10
N SER B 184 2.54 3.84 3.31
CA SER B 184 3.80 4.45 3.70
C SER B 184 3.73 5.95 3.86
N LEU B 185 2.59 6.51 3.49
CA LEU B 185 2.36 7.95 3.47
C LEU B 185 2.87 8.69 4.71
N SER B 186 3.74 9.66 4.48
CA SER B 186 4.25 10.52 5.54
C SER B 186 3.95 11.93 5.13
N LEU B 187 3.64 12.80 6.10
CA LEU B 187 3.17 14.13 5.75
C LEU B 187 4.24 15.22 5.93
N ASP B 188 4.12 16.28 5.14
CA ASP B 188 5.03 17.41 5.22
C ASP B 188 4.52 18.50 6.20
N ALA B 189 3.27 18.91 6.05
CA ALA B 189 2.64 19.87 6.95
C ALA B 189 1.13 19.62 7.05
N ILE B 190 0.51 20.02 8.15
CA ILE B 190 -0.95 19.94 8.27
C ILE B 190 -1.51 21.15 8.98
N THR B 191 -2.71 21.59 8.60
CA THR B 191 -3.49 22.51 9.44
C THR B 191 -4.97 22.44 9.16
N SER B 192 -5.75 22.86 10.16
CA SER B 192 -7.09 23.30 9.89
C SER B 192 -6.95 24.58 9.11
N LEU B 193 -7.93 24.89 8.26
CA LEU B 193 -7.96 26.15 7.53
C LEU B 193 -9.40 26.42 7.12
N ARG B 194 -10.00 27.44 7.69
CA ARG B 194 -11.41 27.71 7.48
C ARG B 194 -12.25 26.46 7.66
N GLY B 195 -12.00 25.73 8.74
CA GLY B 195 -12.80 24.55 9.05
C GLY B 195 -12.43 23.27 8.33
N GLU B 196 -11.56 23.38 7.33
CA GLU B 196 -11.17 22.18 6.63
C GLU B 196 -9.74 21.80 7.00
N THR B 197 -9.35 20.60 6.59
CA THR B 197 -8.02 20.10 6.83
C THR B 197 -7.18 20.21 5.55
N MET B 198 -6.04 20.86 5.66
CA MET B 198 -5.12 20.98 4.56
C MET B 198 -3.94 20.12 4.91
N ILE B 199 -3.52 19.33 3.94
CA ILE B 199 -2.53 18.30 4.17
C ILE B 199 -1.50 18.38 3.10
N PHE B 200 -0.36 18.93 3.43
CA PHE B 200 0.73 19.10 2.49
C PHE B 200 1.59 17.87 2.42
N LYS B 201 1.81 17.42 1.19
CA LYS B 201 2.92 16.54 0.92
C LYS B 201 3.46 16.96 -0.42
N ASP B 202 4.77 17.24 -0.47
CA ASP B 202 5.45 17.47 -1.72
C ASP B 202 4.89 18.69 -2.41
N ARG B 203 4.60 18.52 -3.70
CA ARG B 203 4.07 19.57 -4.54
C ARG B 203 2.61 19.85 -4.21
N PHE B 204 1.99 18.97 -3.41
CA PHE B 204 0.54 18.94 -3.33
C PHE B 204 -0.03 19.25 -1.96
N PHE B 205 -1.34 19.48 -1.92
CA PHE B 205 -2.10 19.41 -0.68
C PHE B 205 -3.50 18.83 -0.92
N TRP B 206 -3.96 17.98 0.02
CA TRP B 206 -5.36 17.52 -0.01
C TRP B 206 -6.14 18.47 0.85
N ARG B 207 -7.31 18.87 0.37
CA ARG B 207 -8.26 19.65 1.16
C ARG B 207 -9.40 18.69 1.50
N LEU B 208 -9.65 18.50 2.79
CA LEU B 208 -10.68 17.56 3.18
C LEU B 208 -11.69 18.27 4.03
N HIS B 209 -12.89 18.46 3.51
CA HIS B 209 -13.93 19.02 4.34
C HIS B 209 -14.41 17.94 5.32
N PRO B 210 -14.58 18.30 6.60
CA PRO B 210 -15.01 17.34 7.61
C PRO B 210 -16.31 16.59 7.26
N GLN B 211 -17.15 17.17 6.43
CA GLN B 211 -18.37 16.47 6.01
C GLN B 211 -18.15 15.55 4.82
N GLN B 212 -16.93 15.52 4.28
CA GLN B 212 -16.60 14.71 3.13
C GLN B 212 -15.71 13.56 3.53
N VAL B 213 -15.80 12.48 2.76
CA VAL B 213 -14.95 11.31 2.86
C VAL B 213 -13.72 11.44 1.95
N ASP B 214 -13.95 11.85 0.72
CA ASP B 214 -12.85 11.99 -0.23
C ASP B 214 -12.28 13.40 -0.17
N ALA B 215 -10.99 13.50 0.11
CA ALA B 215 -10.31 14.78 0.03
C ALA B 215 -10.06 15.15 -1.43
N GLU B 216 -9.81 16.44 -1.65
CA GLU B 216 -9.51 16.96 -2.98
C GLU B 216 -8.03 17.26 -3.13
N LEU B 217 -7.41 16.67 -4.14
CA LEU B 217 -5.98 16.80 -4.32
C LEU B 217 -5.63 18.03 -5.13
N PHE B 218 -4.85 18.94 -4.56
CA PHE B 218 -4.44 20.15 -5.29
C PHE B 218 -2.93 20.22 -5.50
N LEU B 219 -2.51 20.77 -6.64
CA LEU B 219 -1.15 21.26 -6.79
C LEU B 219 -1.06 22.54 -5.98
N THR B 220 -0.02 22.66 -5.17
CA THR B 220 0.05 23.80 -4.27
C THR B 220 0.06 25.12 -5.04
N LYS B 221 0.71 25.13 -6.19
CA LYS B 221 0.80 26.36 -6.99
C LYS B 221 -0.51 26.80 -7.68
N SER B 222 -1.52 25.93 -7.67
CA SER B 222 -2.89 26.30 -8.05
C SER B 222 -3.46 27.33 -7.09
N PHE B 223 -3.05 27.23 -5.83
CA PHE B 223 -3.45 28.21 -4.85
C PHE B 223 -2.47 29.34 -4.87
N TRP B 224 -1.29 29.10 -4.35
CA TRP B 224 -0.27 30.14 -4.25
C TRP B 224 0.97 29.76 -5.02
N PRO B 225 1.03 30.17 -6.29
CA PRO B 225 2.11 29.84 -7.22
C PRO B 225 3.44 30.49 -6.81
N GLU B 226 3.35 31.53 -5.98
CA GLU B 226 4.54 32.22 -5.50
C GLU B 226 5.21 31.47 -4.34
N LEU B 227 4.69 30.30 -4.01
CA LEU B 227 5.21 29.49 -2.91
C LEU B 227 6.08 28.36 -3.45
N PRO B 228 6.99 27.84 -2.63
CA PRO B 228 7.87 26.79 -3.12
C PRO B 228 7.13 25.46 -3.33
N ASN B 229 7.87 24.45 -3.77
CA ASN B 229 7.29 23.16 -4.07
C ASN B 229 7.36 22.13 -2.96
N ARG B 230 7.70 22.60 -1.76
CA ARG B 230 7.66 21.75 -0.58
C ARG B 230 7.48 22.59 0.65
N ILE B 231 6.67 22.14 1.57
CA ILE B 231 6.38 22.88 2.77
C ILE B 231 7.01 22.17 3.98
N ASP B 232 7.72 22.93 4.79
CA ASP B 232 8.29 22.42 6.02
C ASP B 232 7.21 22.27 7.07
N ALA B 233 6.48 23.35 7.27
CA ALA B 233 5.48 23.37 8.32
C ALA B 233 4.36 24.33 7.91
N ALA B 234 3.19 24.16 8.54
CA ALA B 234 2.06 25.04 8.27
C ALA B 234 1.21 25.14 9.51
N TYR B 235 0.56 26.28 9.68
CA TYR B 235 -0.34 26.48 10.80
C TYR B 235 -1.30 27.67 10.56
N GLU B 236 -2.33 27.80 11.41
CA GLU B 236 -3.45 28.68 11.14
C GLU B 236 -3.78 29.64 12.31
N HIS B 237 -4.08 30.89 11.98
CA HIS B 237 -4.54 31.89 12.95
C HIS B 237 -6.02 32.22 12.71
N PRO B 238 -6.94 31.31 13.11
CA PRO B 238 -8.36 31.46 12.79
C PRO B 238 -8.88 32.90 12.91
N SER B 239 -8.66 33.54 14.06
CA SER B 239 -9.13 34.90 14.32
C SER B 239 -8.85 35.93 13.21
N HIS B 240 -7.69 35.81 12.58
CA HIS B 240 -7.24 36.83 11.63
C HIS B 240 -7.35 36.34 10.20
N ASP B 241 -8.01 35.20 9.99
CA ASP B 241 -8.03 34.52 8.70
C ASP B 241 -6.64 34.52 8.05
N LEU B 242 -5.64 34.08 8.80
CA LEU B 242 -4.27 34.00 8.31
C LEU B 242 -3.78 32.57 8.31
N ILE B 243 -2.88 32.27 7.40
CA ILE B 243 -2.21 30.98 7.42
C ILE B 243 -0.72 31.21 7.27
N PHE B 244 0.07 30.49 8.05
CA PHE B 244 1.52 30.66 8.01
C PHE B 244 2.15 29.42 7.39
N ILE B 245 3.03 29.65 6.43
CA ILE B 245 3.71 28.56 5.76
C ILE B 245 5.19 28.75 5.91
N PHE B 246 5.90 27.65 6.13
CA PHE B 246 7.34 27.68 6.33
C PHE B 246 8.09 26.76 5.35
N ARG B 247 9.22 27.25 4.85
CA ARG B 247 10.25 26.38 4.30
C ARG B 247 11.63 27.04 4.47
N GLY B 248 12.58 26.30 5.02
CA GLY B 248 13.88 26.85 5.33
C GLY B 248 13.76 27.97 6.34
N ARG B 249 14.61 28.98 6.23
CA ARG B 249 14.60 30.11 7.16
C ARG B 249 13.64 31.23 6.76
N LYS B 250 12.79 30.98 5.76
CA LYS B 250 11.74 31.94 5.39
C LYS B 250 10.35 31.40 5.67
N PHE B 251 9.39 32.32 5.81
CA PHE B 251 8.00 31.93 6.06
C PHE B 251 6.99 33.02 5.66
N TRP B 252 5.91 32.60 5.02
CA TRP B 252 4.92 33.51 4.49
C TRP B 252 3.69 33.56 5.38
N ALA B 253 3.01 34.70 5.35
CA ALA B 253 1.72 34.84 6.01
C ALA B 253 0.73 35.13 4.92
N LEU B 254 -0.17 34.19 4.67
CA LEU B 254 -1.11 34.33 3.58
C LEU B 254 -2.53 34.57 4.07
N ASN B 255 -3.18 35.53 3.43
CA ASN B 255 -4.60 35.73 3.60
C ASN B 255 -5.27 35.36 2.29
N GLY B 256 -6.07 34.29 2.32
CA GLY B 256 -6.75 33.80 1.14
C GLY B 256 -5.74 33.40 0.08
N TYR B 257 -5.67 34.16 -1.00
CA TYR B 257 -4.73 33.83 -2.07
C TYR B 257 -3.50 34.75 -2.07
N ASP B 258 -3.57 35.85 -1.34
CA ASP B 258 -2.52 36.87 -1.40
C ASP B 258 -1.56 36.90 -0.18
N ILE B 259 -0.25 36.87 -0.46
CA ILE B 259 0.77 37.04 0.57
C ILE B 259 0.70 38.39 1.27
N LEU B 260 0.80 38.39 2.60
CA LEU B 260 0.70 39.61 3.38
C LEU B 260 1.77 40.64 3.02
N GLU B 261 1.57 41.85 3.55
CA GLU B 261 2.50 42.95 3.35
C GLU B 261 3.85 42.66 4.00
N GLY B 262 4.87 42.50 3.17
CA GLY B 262 6.23 42.29 3.63
C GLY B 262 6.53 40.87 4.06
N TYR B 263 6.21 39.92 3.20
CA TYR B 263 6.52 38.51 3.40
C TYR B 263 7.07 37.91 2.11
N PRO B 264 7.95 36.91 2.22
CA PRO B 264 8.33 36.14 3.41
C PRO B 264 9.30 36.83 4.38
N LYS B 265 9.01 36.75 5.67
CA LYS B 265 9.95 37.15 6.70
C LYS B 265 10.90 36.00 7.04
N LYS B 266 12.15 36.33 7.39
CA LYS B 266 13.10 35.33 7.89
C LYS B 266 12.61 34.87 9.25
N ILE B 267 12.86 33.62 9.60
CA ILE B 267 12.26 33.05 10.81
C ILE B 267 12.98 33.46 12.11
N SER B 268 14.15 34.09 11.99
CA SER B 268 14.81 34.65 13.15
C SER B 268 13.97 35.74 13.80
N GLU B 269 13.21 36.47 12.97
CA GLU B 269 12.26 37.49 13.42
C GLU B 269 11.29 36.96 14.47
N LEU B 270 11.09 35.65 14.49
CA LEU B 270 10.24 35.00 15.49
C LEU B 270 11.02 34.80 16.77
N GLY B 271 12.30 35.14 16.74
CA GLY B 271 13.16 34.93 17.89
C GLY B 271 13.72 33.52 17.99
N LEU B 272 13.66 32.78 16.88
CA LEU B 272 14.36 31.50 16.80
C LEU B 272 15.86 31.76 16.82
N PRO B 273 16.61 30.91 17.54
CA PRO B 273 18.08 30.96 17.51
C PRO B 273 18.59 31.05 16.09
N LYS B 274 19.55 31.93 15.89
CA LYS B 274 20.04 32.32 14.59
C LYS B 274 20.47 31.14 13.70
N GLU B 275 20.85 30.00 14.27
CA GLU B 275 21.13 28.89 13.36
C GLU B 275 20.28 27.64 13.53
N VAL B 276 18.99 27.82 13.32
CA VAL B 276 18.05 26.74 13.06
C VAL B 276 17.69 26.79 11.58
N LYS B 277 17.83 25.66 10.90
CA LYS B 277 17.74 25.60 9.45
C LYS B 277 16.29 25.52 8.92
N LYS B 278 15.42 24.82 9.67
CA LYS B 278 14.04 24.60 9.27
C LYS B 278 13.19 24.48 10.51
N ILE B 279 11.87 24.41 10.32
CA ILE B 279 10.92 24.09 11.38
C ILE B 279 10.10 22.88 10.90
N SER B 280 10.19 21.77 11.61
CA SER B 280 9.67 20.51 11.12
C SER B 280 8.15 20.53 11.10
N ALA B 281 7.58 21.14 12.13
CA ALA B 281 6.15 21.26 12.25
C ALA B 281 5.80 22.48 13.10
N ALA B 282 4.52 22.82 13.15
CA ALA B 282 4.06 24.03 13.82
C ALA B 282 2.57 23.96 14.01
N VAL B 283 2.07 24.53 15.12
CA VAL B 283 0.64 24.53 15.43
C VAL B 283 0.28 25.65 16.42
N HIS B 284 -0.92 26.22 16.29
CA HIS B 284 -1.36 27.36 17.09
C HIS B 284 -2.67 27.07 17.79
N PHE B 285 -2.82 27.61 19.00
CA PHE B 285 -4.00 27.41 19.83
C PHE B 285 -4.67 28.73 20.13
N GLU B 286 -5.76 29.01 19.42
CA GLU B 286 -6.48 30.27 19.57
C GLU B 286 -7.08 30.39 20.95
N ASP B 287 -7.19 29.26 21.65
CA ASP B 287 -7.67 29.23 23.02
C ASP B 287 -6.69 29.99 23.92
N THR B 288 -5.40 29.78 23.69
CA THR B 288 -4.37 30.28 24.59
C THR B 288 -3.53 31.31 23.90
N GLY B 289 -3.75 31.45 22.59
CA GLY B 289 -2.96 32.36 21.79
C GLY B 289 -1.51 31.93 21.64
N LYS B 290 -1.18 30.76 22.18
CA LYS B 290 0.17 30.19 22.09
C LYS B 290 0.40 29.48 20.74
N THR B 291 1.67 29.18 20.43
CA THR B 291 2.01 28.47 19.20
C THR B 291 3.21 27.56 19.40
N LEU B 292 3.08 26.30 19.01
CA LEU B 292 4.21 25.38 19.12
C LEU B 292 4.98 25.33 17.81
N LEU B 293 6.30 25.49 17.89
CA LEU B 293 7.16 25.32 16.72
C LEU B 293 8.17 24.23 17.03
N PHE B 294 8.30 23.27 16.13
CA PHE B 294 9.16 22.13 16.36
C PHE B 294 10.34 22.20 15.43
N SER B 295 11.50 21.79 15.95
CA SER B 295 12.70 21.68 15.14
C SER B 295 13.61 20.64 15.74
N GLY B 296 14.16 19.78 14.88
CA GLY B 296 14.95 18.65 15.32
C GLY B 296 14.27 17.88 16.44
N ASN B 297 14.95 17.72 17.56
CA ASN B 297 14.31 17.10 18.70
C ASN B 297 13.98 18.11 19.81
N GLN B 298 13.72 19.35 19.39
CA GLN B 298 13.28 20.40 20.31
C GLN B 298 11.93 21.06 19.96
N VAL B 299 11.35 21.76 20.93
CA VAL B 299 10.12 22.52 20.73
C VAL B 299 10.22 23.94 21.31
N TRP B 300 9.64 24.90 20.58
CA TRP B 300 9.66 26.32 20.94
C TRP B 300 8.22 26.80 21.10
N ARG B 301 7.99 27.67 22.06
CA ARG B 301 6.64 28.17 22.32
C ARG B 301 6.55 29.69 22.27
N TYR B 302 6.00 30.18 21.16
CA TYR B 302 5.75 31.60 20.96
C TYR B 302 4.39 31.92 21.56
N ASP B 303 4.19 33.19 21.88
CA ASP B 303 2.90 33.68 22.30
C ASP B 303 2.48 34.78 21.34
N ASP B 304 1.50 34.47 20.49
CA ASP B 304 1.14 35.33 19.37
C ASP B 304 0.68 36.70 19.82
N THR B 305 0.32 36.80 21.10
CA THR B 305 -0.10 38.06 21.69
C THR B 305 1.11 39.01 21.87
N ASN B 306 2.16 38.51 22.50
CA ASN B 306 3.32 39.34 22.87
C ASN B 306 4.44 39.41 21.83
N HIS B 307 4.26 38.76 20.70
CA HIS B 307 5.23 38.79 19.60
C HIS B 307 6.68 38.40 20.00
N ILE B 308 6.83 37.59 21.05
CA ILE B 308 8.13 37.00 21.37
C ILE B 308 7.96 35.55 21.88
N MET B 309 9.05 34.79 21.87
CA MET B 309 9.09 33.49 22.51
C MET B 309 8.76 33.61 23.97
N ASP B 310 7.94 32.69 24.51
CA ASP B 310 7.94 32.45 25.95
C ASP B 310 9.37 32.03 26.30
N LYS B 311 9.85 32.36 27.49
CA LYS B 311 11.19 31.94 27.86
C LYS B 311 11.06 30.54 28.42
N ASP B 312 12.21 29.91 28.67
CA ASP B 312 12.30 28.51 29.06
C ASP B 312 12.07 27.63 27.83
N TYR B 313 12.55 28.11 26.70
CA TYR B 313 12.58 27.33 25.47
C TYR B 313 13.89 27.61 24.74
N PRO B 314 14.34 26.68 23.89
CA PRO B 314 13.70 25.43 23.46
C PRO B 314 13.57 24.38 24.55
N ARG B 315 12.56 23.52 24.41
CA ARG B 315 12.40 22.35 25.26
C ARG B 315 12.54 21.08 24.44
N LEU B 316 13.10 20.03 25.04
CA LEU B 316 13.23 18.74 24.38
C LEU B 316 11.86 18.14 24.10
N ILE B 317 11.65 17.65 22.86
CA ILE B 317 10.37 17.07 22.52
C ILE B 317 10.08 15.85 23.40
N GLU B 318 11.08 14.98 23.53
CA GLU B 318 10.97 13.80 24.37
C GLU B 318 10.57 14.19 25.78
N GLU B 319 11.13 15.30 26.26
CA GLU B 319 10.80 15.86 27.58
C GLU B 319 9.36 16.36 27.60
N ASP B 320 8.98 17.15 26.61
CA ASP B 320 7.68 17.84 26.65
C ASP B 320 6.49 17.02 26.16
N PHE B 321 6.74 16.03 25.29
CA PHE B 321 5.70 15.16 24.75
C PHE B 321 6.18 13.71 24.70
N PRO B 322 5.99 12.98 25.80
CA PRO B 322 6.38 11.58 25.99
C PRO B 322 5.68 10.59 25.04
N GLY B 323 6.46 9.77 24.35
CA GLY B 323 5.91 8.71 23.50
C GLY B 323 5.85 8.97 21.99
N ILE B 324 5.96 10.23 21.58
CA ILE B 324 5.81 10.55 20.17
C ILE B 324 7.17 10.57 19.45
N GLY B 325 8.24 10.45 20.22
CA GLY B 325 9.58 10.37 19.64
C GLY B 325 10.36 11.66 19.74
N ASP B 326 11.35 11.79 18.86
CA ASP B 326 12.31 12.89 18.90
C ASP B 326 12.22 13.75 17.63
N LYS B 327 11.05 13.81 17.02
CA LYS B 327 10.79 14.68 15.87
C LYS B 327 9.32 14.70 15.50
N VAL B 328 8.91 15.79 14.84
CA VAL B 328 7.52 15.98 14.46
C VAL B 328 7.47 16.42 12.99
N ASP B 329 7.05 15.53 12.11
CA ASP B 329 6.97 15.83 10.68
C ASP B 329 5.93 16.89 10.41
N ALA B 330 4.85 16.82 11.18
CA ALA B 330 3.73 17.69 10.99
C ALA B 330 2.85 17.52 12.21
N VAL B 331 1.98 18.52 12.45
CA VAL B 331 1.16 18.54 13.66
C VAL B 331 -0.03 19.50 13.52
N TYR B 332 -1.14 19.18 14.16
CA TYR B 332 -2.29 20.07 14.14
C TYR B 332 -3.23 19.71 15.28
N GLU B 333 -4.18 20.59 15.54
CA GLU B 333 -5.01 20.51 16.74
C GLU B 333 -6.49 20.46 16.35
N LYS B 334 -7.32 19.89 17.22
CA LYS B 334 -8.74 19.68 16.94
C LYS B 334 -9.39 19.16 18.23
N ASN B 335 -10.44 19.84 18.69
CA ASN B 335 -11.25 19.36 19.81
C ASN B 335 -10.51 19.03 21.09
N GLY B 336 -9.43 19.74 21.38
CA GLY B 336 -8.71 19.51 22.62
C GLY B 336 -7.77 18.33 22.50
N TYR B 337 -7.49 17.94 21.27
CA TYR B 337 -6.49 16.91 21.03
C TYR B 337 -5.38 17.52 20.21
N ILE B 338 -4.22 16.90 20.24
CA ILE B 338 -3.17 17.27 19.31
C ILE B 338 -2.74 16.06 18.51
N TYR B 339 -2.70 16.22 17.19
CA TYR B 339 -2.30 15.11 16.36
C TYR B 339 -0.86 15.27 15.88
N PHE B 340 0.00 14.37 16.36
CA PHE B 340 1.42 14.41 16.01
C PHE B 340 1.73 13.43 14.89
N PHE B 341 2.54 13.87 13.94
CA PHE B 341 2.84 13.05 12.80
C PHE B 341 4.31 12.74 12.67
N ASN B 342 4.61 11.46 12.61
CA ASN B 342 5.98 11.01 12.61
C ASN B 342 6.11 9.84 11.67
N GLY B 343 6.66 10.10 10.48
CA GLY B 343 6.58 9.17 9.38
C GLY B 343 5.13 8.83 9.09
N PRO B 344 4.85 7.53 8.85
CA PRO B 344 3.51 7.00 8.62
C PRO B 344 2.75 6.62 9.91
N ILE B 345 3.14 7.24 11.02
CA ILE B 345 2.43 7.04 12.28
C ILE B 345 1.86 8.36 12.78
N GLN B 346 0.69 8.30 13.39
CA GLN B 346 0.04 9.47 13.92
C GLN B 346 -0.25 9.22 15.39
N PHE B 347 0.04 10.20 16.23
CA PHE B 347 -0.31 10.10 17.63
C PHE B 347 -1.43 11.07 18.01
N GLU B 348 -2.58 10.55 18.44
CA GLU B 348 -3.58 11.40 19.07
C GLU B 348 -3.21 11.65 20.56
N TYR B 349 -3.09 12.92 20.94
CA TYR B 349 -2.54 13.29 22.24
C TYR B 349 -3.45 14.23 23.00
N SER B 350 -4.06 13.75 24.08
CA SER B 350 -4.96 14.56 24.90
C SER B 350 -4.33 15.74 25.61
N ILE B 351 -4.82 16.93 25.30
CA ILE B 351 -4.36 18.13 25.97
C ILE B 351 -4.65 18.01 27.47
N TRP B 352 -5.87 17.61 27.80
N TRP B 352 -5.87 17.61 27.82
CA TRP B 352 -6.34 17.45 29.17
CA TRP B 352 -6.28 17.46 29.22
C TRP B 352 -5.56 16.38 29.94
C TRP B 352 -5.49 16.39 29.94
N SER B 353 -5.54 15.17 29.41
CA SER B 353 -4.83 14.04 30.02
C SER B 353 -3.30 14.17 29.93
N ASN B 354 -2.83 15.10 29.10
CA ASN B 354 -1.40 15.35 28.91
C ASN B 354 -0.63 14.13 28.37
N ARG B 355 -1.32 13.26 27.64
CA ARG B 355 -0.69 12.04 27.18
C ARG B 355 -1.29 11.49 25.88
N ILE B 356 -0.53 10.62 25.22
CA ILE B 356 -1.03 9.86 24.09
C ILE B 356 -2.30 9.11 24.47
N VAL B 357 -3.26 9.08 23.56
CA VAL B 357 -4.56 8.45 23.80
C VAL B 357 -4.82 7.43 22.70
N ARG B 358 -4.17 7.61 21.55
CA ARG B 358 -4.27 6.66 20.47
C ARG B 358 -3.11 6.77 19.47
N VAL B 359 -2.77 5.66 18.85
CA VAL B 359 -1.81 5.63 17.76
C VAL B 359 -2.50 5.04 16.53
N MET B 360 -2.36 5.72 15.38
CA MET B 360 -2.96 5.25 14.13
C MET B 360 -1.98 5.52 13.03
N PRO B 361 -2.15 4.84 11.89
CA PRO B 361 -1.47 5.18 10.64
C PRO B 361 -1.73 6.63 10.29
N ALA B 362 -0.72 7.31 9.74
CA ALA B 362 -0.86 8.71 9.39
C ALA B 362 -2.00 8.89 8.39
N ASN B 363 -2.08 7.99 7.41
CA ASN B 363 -3.08 8.13 6.36
C ASN B 363 -4.52 7.94 6.79
N SER B 364 -4.75 7.58 8.03
CA SER B 364 -6.12 7.45 8.47
C SER B 364 -6.77 8.84 8.56
N ILE B 365 -5.96 9.88 8.43
CA ILE B 365 -6.48 11.24 8.39
C ILE B 365 -7.31 11.44 7.11
N LEU B 366 -7.08 10.54 6.15
CA LEU B 366 -7.68 10.64 4.81
C LEU B 366 -8.73 9.57 4.56
N TRP B 367 -9.26 9.00 5.64
CA TRP B 367 -10.24 7.91 5.58
C TRP B 367 -9.73 6.61 4.98
N CYS B 368 -8.50 6.24 5.32
CA CYS B 368 -7.92 5.02 4.79
C CYS B 368 -8.19 3.80 5.65
N GLY C 1 5.53 -35.91 -41.31
CA GLY C 1 6.72 -36.39 -40.63
C GLY C 1 7.60 -35.27 -40.09
N GLY C 2 8.25 -35.51 -38.95
CA GLY C 2 8.20 -36.78 -38.26
C GLY C 2 6.99 -36.93 -37.34
N ASP C 3 6.59 -38.17 -37.09
CA ASP C 3 5.38 -38.43 -36.32
C ASP C 3 5.67 -38.86 -34.88
N GLU C 4 5.32 -37.99 -33.94
CA GLU C 4 5.52 -38.19 -32.50
C GLU C 4 4.84 -37.05 -31.74
N ASP C 5 4.23 -37.38 -30.60
CA ASP C 5 3.57 -36.36 -29.79
C ASP C 5 4.59 -35.54 -29.00
N ASP C 6 4.91 -34.35 -29.53
CA ASP C 6 5.96 -33.49 -28.97
C ASP C 6 5.69 -33.09 -27.51
N LEU C 7 4.43 -33.11 -27.13
CA LEU C 7 4.05 -32.90 -25.74
C LEU C 7 3.43 -34.19 -25.20
N SER C 8 4.16 -35.30 -25.37
CA SER C 8 3.70 -36.64 -24.97
C SER C 8 3.36 -36.73 -23.50
N GLU C 9 4.23 -36.17 -22.67
CA GLU C 9 4.05 -36.25 -21.24
C GLU C 9 4.37 -34.93 -20.57
N GLU C 10 3.98 -34.82 -19.30
CA GLU C 10 4.32 -33.67 -18.49
C GLU C 10 5.10 -34.06 -17.25
N ASP C 11 6.27 -33.44 -17.12
CA ASP C 11 7.13 -33.54 -15.96
C ASP C 11 6.56 -32.62 -14.91
N LEU C 12 5.75 -31.68 -15.37
CA LEU C 12 5.20 -30.64 -14.52
C LEU C 12 4.13 -31.14 -13.55
N GLN C 13 4.02 -32.45 -13.36
CA GLN C 13 3.11 -32.94 -12.35
C GLN C 13 3.76 -32.58 -11.04
N PHE C 14 2.95 -32.17 -10.07
CA PHE C 14 3.45 -31.81 -8.75
C PHE C 14 2.63 -32.47 -7.63
N ALA C 15 3.30 -32.79 -6.52
CA ALA C 15 2.67 -33.51 -5.41
C ALA C 15 2.52 -32.62 -4.18
N GLU C 16 1.48 -32.85 -3.37
CA GLU C 16 1.47 -32.25 -2.03
C GLU C 16 2.10 -33.21 -1.04
N ARG C 17 2.71 -32.66 0.01
CA ARG C 17 3.62 -33.42 0.87
C ARG C 17 3.35 -33.15 2.36
N TYR C 18 3.13 -34.19 3.14
CA TYR C 18 3.09 -33.98 4.59
C TYR C 18 4.16 -34.77 5.32
N LEU C 19 5.01 -34.06 6.03
CA LEU C 19 6.15 -34.67 6.73
C LEU C 19 5.76 -35.71 7.80
N ARG C 20 6.59 -36.77 7.88
CA ARG C 20 6.36 -37.87 8.82
C ARG C 20 6.84 -37.53 10.22
N SER C 21 7.20 -36.27 10.42
CA SER C 21 7.60 -35.79 11.73
C SER C 21 6.55 -36.09 12.82
N TYR C 22 7.01 -36.02 14.08
CA TYR C 22 6.43 -36.80 15.16
C TYR C 22 6.29 -35.98 16.44
N TYR C 23 5.30 -36.35 17.26
CA TYR C 23 4.97 -35.60 18.45
C TYR C 23 5.74 -36.11 19.69
N HIS C 24 5.39 -35.55 20.85
CA HIS C 24 5.97 -35.90 22.15
C HIS C 24 7.51 -35.73 22.24
N PRO C 25 8.10 -34.62 21.70
CA PRO C 25 9.57 -34.60 21.59
C PRO C 25 10.32 -34.05 22.81
N THR C 26 9.60 -33.56 23.82
CA THR C 26 10.16 -32.82 24.96
C THR C 26 10.69 -31.42 24.51
N GLY D 1 -5.55 26.54 -39.04
CA GLY D 1 -6.58 25.97 -39.89
C GLY D 1 -6.08 25.52 -41.26
N GLY D 2 -6.93 25.68 -42.27
CA GLY D 2 -6.61 25.31 -43.64
C GLY D 2 -7.28 26.28 -44.59
N ASP D 3 -6.90 26.22 -45.87
CA ASP D 3 -7.43 27.18 -46.85
C ASP D 3 -8.08 26.56 -48.10
N GLU D 4 -7.30 25.75 -48.82
CA GLU D 4 -7.59 25.52 -50.23
C GLU D 4 -8.70 24.48 -50.54
N ASP D 5 -8.77 23.39 -49.77
CA ASP D 5 -9.82 22.38 -49.99
C ASP D 5 -10.83 22.21 -48.85
N ASP D 6 -12.09 22.00 -49.20
CA ASP D 6 -13.08 21.59 -48.21
C ASP D 6 -12.54 20.34 -47.52
N LEU D 7 -12.68 20.27 -46.20
CA LEU D 7 -12.08 19.17 -45.44
C LEU D 7 -13.01 17.97 -45.51
N SER D 8 -12.44 16.75 -45.55
CA SER D 8 -13.28 15.56 -45.66
C SER D 8 -14.16 15.36 -44.42
N GLU D 9 -15.27 14.65 -44.59
CA GLU D 9 -16.03 14.15 -43.46
C GLU D 9 -15.12 13.30 -42.56
N GLU D 10 -14.00 12.80 -43.09
CA GLU D 10 -13.02 12.15 -42.23
C GLU D 10 -12.20 13.18 -41.46
N ASP D 11 -11.68 14.20 -42.15
CA ASP D 11 -10.98 15.29 -41.49
C ASP D 11 -11.83 15.82 -40.33
N LEU D 12 -13.10 16.07 -40.61
CA LEU D 12 -14.02 16.62 -39.62
C LEU D 12 -14.29 15.61 -38.53
N GLN D 13 -14.35 14.34 -38.91
CA GLN D 13 -14.69 13.29 -37.96
C GLN D 13 -13.51 13.14 -37.03
N PHE D 14 -12.33 13.26 -37.62
CA PHE D 14 -11.08 13.18 -36.89
C PHE D 14 -11.10 14.24 -35.79
N ALA D 15 -11.26 15.50 -36.21
CA ALA D 15 -11.38 16.62 -35.27
C ALA D 15 -12.57 16.49 -34.33
N GLU D 16 -13.75 16.22 -34.88
CA GLU D 16 -14.97 16.01 -34.07
C GLU D 16 -14.77 14.99 -32.94
N ARG D 17 -13.74 14.16 -33.07
CA ARG D 17 -13.61 13.02 -32.17
C ARG D 17 -12.36 13.10 -31.32
N TYR D 18 -11.32 13.73 -31.85
CA TYR D 18 -9.98 13.60 -31.26
C TYR D 18 -9.27 14.89 -30.85
N LEU D 19 -9.77 16.05 -31.29
CA LEU D 19 -9.15 17.29 -30.91
C LEU D 19 -9.25 17.43 -29.39
N ARG D 20 -8.23 18.00 -28.76
CA ARG D 20 -8.24 18.18 -27.31
C ARG D 20 -7.85 19.61 -26.91
N SER D 21 -8.46 20.13 -25.87
CA SER D 21 -8.28 21.55 -25.54
C SER D 21 -7.69 21.72 -24.16
N TYR D 22 -6.83 22.73 -24.05
CA TYR D 22 -6.25 23.13 -22.78
C TYR D 22 -6.98 24.38 -22.32
N TYR D 23 -7.49 24.38 -21.10
N TYR D 23 -7.44 24.41 -21.08
CA TYR D 23 -8.19 25.55 -20.59
CA TYR D 23 -8.28 25.53 -20.60
C TYR D 23 -7.38 26.17 -19.47
C TYR D 23 -7.81 26.04 -19.25
N HIS D 24 -7.79 27.36 -19.06
CA HIS D 24 -7.40 27.92 -17.76
C HIS D 24 -8.55 28.73 -17.24
N PRO D 25 -9.48 28.06 -16.55
CA PRO D 25 -10.58 28.83 -16.01
C PRO D 25 -10.02 29.77 -14.99
N THR D 26 -10.69 30.91 -14.85
CA THR D 26 -10.27 31.92 -13.91
C THR D 26 -11.47 32.33 -13.05
ZN ZN E . 0.83 -29.77 -4.92
ZN ZN F . -0.36 -41.24 -9.86
CA CA G . 1.24 -41.22 1.62
CA CA H . -7.44 -35.81 -18.21
CA CA I . -2.71 -9.12 21.67
CA CA J . 5.15 -11.49 25.36
CL CL K . 2.43 -10.82 24.16
C1 EDO L . 16.63 -5.36 15.35
O1 EDO L . 16.66 -4.24 14.45
C2 EDO L . 15.19 -5.85 15.42
O2 EDO L . 15.03 -7.02 16.26
C1 EDO M . 19.74 -0.11 23.99
O1 EDO M . 18.90 -1.15 24.51
C2 EDO M . 18.88 0.76 23.08
O2 EDO M . 18.84 2.12 23.53
C1 EDO N . 4.96 -2.07 37.79
O1 EDO N . 3.91 -2.93 37.33
C2 EDO N . 6.25 -2.86 37.94
O2 EDO N . 6.38 -3.70 36.79
C1 EDO O . 4.78 -14.04 2.24
O1 EDO O . 6.10 -14.49 1.92
C2 EDO O . 4.25 -13.08 1.18
O2 EDO O . 3.59 -11.97 1.81
C1 EDO P . -4.48 -42.05 -19.39
O1 EDO P . -3.73 -43.19 -18.94
C2 EDO P . -5.77 -41.95 -18.60
O2 EDO P . -6.47 -40.74 -18.95
C1 EDO Q . -7.44 -20.99 5.71
O1 EDO Q . -8.10 -20.64 4.49
C2 EDO Q . -8.08 -20.24 6.87
O2 EDO Q . -9.51 -20.37 6.74
C1 EDO R . 9.16 -6.20 36.82
O1 EDO R . 7.83 -6.09 37.38
C2 EDO R . 9.83 -4.84 36.67
O2 EDO R . 9.17 -4.05 35.65
C1 EDO S . 21.24 0.46 31.90
O1 EDO S . 21.14 -0.06 30.56
C2 EDO S . 20.78 1.91 31.87
O2 EDO S . 21.24 2.47 30.65
C1 EDO T . 3.41 -14.37 -11.00
O1 EDO T . 4.21 -15.04 -10.02
C2 EDO T . 2.80 -13.12 -10.36
O2 EDO T . 2.29 -12.29 -11.41
C1 EDO U . -7.17 -13.49 -18.19
O1 EDO U . -6.44 -12.83 -17.15
C2 EDO U . -8.59 -12.95 -18.20
O2 EDO U . -9.23 -13.45 -19.38
C1 EDO V . 15.16 -10.82 0.54
O1 EDO V . 14.25 -11.66 1.25
C2 EDO V . 14.63 -9.37 0.52
O2 EDO V . 15.60 -8.48 -0.04
ZN ZN W . -5.07 19.18 -23.63
ZN ZN X . -7.51 25.40 -34.33
CA CA Y . -8.39 32.09 -24.88
CA CA Z . 0.10 17.30 -39.30
CA CA AA . 7.58 18.98 8.00
CA CA BA . -0.15 22.77 11.84
CL CL CA . 2.68 21.02 10.45
C1 EDO DA . -6.77 30.05 2.18
O1 EDO DA . -5.91 31.15 2.47
C2 EDO DA . -7.60 30.22 0.89
O2 EDO DA . -8.22 28.95 0.58
C1 EDO EA . -2.23 39.30 -27.64
O1 EDO EA . -3.47 39.97 -27.83
C2 EDO EA . -1.36 40.27 -26.85
O2 EDO EA . -2.07 40.61 -25.66
C1 EDO FA . 7.72 20.64 -12.73
O1 EDO FA . 7.53 20.51 -11.32
C2 EDO FA . 6.33 20.71 -13.34
O2 EDO FA . 5.90 19.42 -13.81
C1 EDO GA . 9.20 7.00 14.17
O1 EDO GA . 10.35 6.58 13.40
C2 EDO GA . 7.94 6.21 13.81
O2 EDO GA . 7.65 6.26 12.40
C1 EDO HA . -2.97 9.86 -7.89
O1 EDO HA . -3.01 9.04 -6.70
C2 EDO HA . -4.22 10.75 -7.92
O2 EDO HA . -4.78 10.75 -9.25
C1 EDO IA . -1.92 24.47 24.88
O1 EDO IA . -1.42 23.17 24.57
C2 EDO IA . -0.81 25.47 24.65
O2 EDO IA . -1.29 26.78 24.97
C1 EDO JA . -3.84 2.38 -17.26
O1 EDO JA . -2.55 2.64 -16.67
C2 EDO JA . -3.86 2.77 -18.74
O2 EDO JA . -4.27 4.13 -18.86
C1 EDO KA . 4.87 1.24 -19.74
O1 EDO KA . 5.31 2.53 -19.29
C2 EDO KA . 5.61 0.80 -21.01
O2 EDO KA . 7.03 1.03 -20.88
C1 EDO LA . 8.01 -0.19 -25.60
O1 EDO LA . 8.50 0.06 -24.28
C2 EDO LA . 6.57 0.26 -25.70
O2 EDO LA . 6.00 -0.35 -26.87
C1 EDO MA . 11.14 26.04 -16.08
O1 EDO MA . 11.70 26.61 -14.90
C2 EDO MA . 10.45 27.10 -16.93
O2 EDO MA . 9.10 27.34 -16.51
C1 EDO NA . -7.89 11.48 12.90
O1 EDO NA . -8.62 10.50 12.13
C2 EDO NA . -8.80 12.04 14.00
O2 EDO NA . -9.22 13.35 13.63
C1 EDO OA . -11.72 9.06 9.92
O1 EDO OA . -12.90 8.26 9.87
C2 EDO OA . -12.07 10.47 10.38
O2 EDO OA . -10.87 11.22 10.64
C1 EDO PA . 16.56 9.37 -27.42
O1 EDO PA . 17.51 8.31 -27.63
C2 EDO PA . 16.11 10.11 -28.69
O2 EDO PA . 15.30 11.18 -28.20
CL CL QA . -0.57 -32.32 -5.54
C1 EDO RA . 14.14 -33.27 19.13
O1 EDO RA . 13.63 -34.59 19.36
C2 EDO RA . 13.10 -32.19 19.48
O2 EDO RA . 12.17 -31.96 18.41
CL CL SA . -4.57 21.17 -25.77
C1 EDO TA . -11.64 19.08 -22.83
O1 EDO TA . -10.40 19.65 -22.40
C2 EDO TA . -11.84 19.32 -24.33
O2 EDO TA . -10.70 18.82 -25.07
#